data_1Y6U
#
_entry.id   1Y6U
#
_cell.length_a   1.000
_cell.length_b   1.000
_cell.length_c   1.000
_cell.angle_alpha   90.00
_cell.angle_beta   90.00
_cell.angle_gamma   90.00
#
_symmetry.space_group_name_H-M   'P 1'
#
_entity_poly.entity_id   1
_entity_poly.type   'polypeptide(L)'
_entity_poly.pdbx_seq_one_letter_code
;AGHMKQTDIPIWERYTLTIEEASKYFRIGENKLRRLAEENKNANWLIMNGNRIQIKRKQFEKIIDTLDAI
;
_entity_poly.pdbx_strand_id   A
#
# COMPACT_ATOMS: atom_id res chain seq x y z
N ILE A 9 4.73 -12.03 -6.43
CA ILE A 9 5.51 -12.63 -5.32
C ILE A 9 4.55 -12.95 -4.15
N PRO A 10 4.71 -14.06 -3.46
CA PRO A 10 3.83 -14.38 -2.31
C PRO A 10 3.79 -13.19 -1.32
N ILE A 11 2.64 -12.59 -1.17
CA ILE A 11 2.48 -11.42 -0.26
C ILE A 11 3.38 -11.53 1.01
N TRP A 12 3.47 -12.69 1.61
CA TRP A 12 4.30 -12.84 2.85
C TRP A 12 5.80 -12.84 2.50
N GLU A 13 6.16 -12.45 1.30
CA GLU A 13 7.61 -12.44 0.90
C GLU A 13 7.99 -11.04 0.39
N ARG A 14 7.07 -10.28 -0.11
CA ARG A 14 7.43 -8.92 -0.61
C ARG A 14 7.58 -7.96 0.56
N TYR A 15 8.08 -6.77 0.30
CA TYR A 15 8.28 -5.76 1.38
C TYR A 15 7.15 -4.73 1.30
N THR A 16 6.43 -4.72 0.20
CA THR A 16 5.31 -3.75 0.03
C THR A 16 4.10 -4.50 -0.55
N LEU A 17 2.90 -4.01 -0.31
CA LEU A 17 1.68 -4.72 -0.82
C LEU A 17 1.02 -3.91 -1.94
N THR A 18 0.45 -4.60 -2.89
CA THR A 18 -0.23 -3.90 -4.01
C THR A 18 -1.60 -3.43 -3.56
N ILE A 19 -2.35 -2.81 -4.44
CA ILE A 19 -3.70 -2.36 -4.06
C ILE A 19 -4.55 -3.60 -3.75
N GLU A 20 -4.37 -4.66 -4.51
CA GLU A 20 -5.16 -5.89 -4.27
C GLU A 20 -4.68 -6.53 -2.97
N GLU A 21 -3.39 -6.68 -2.79
CA GLU A 21 -2.90 -7.27 -1.53
C GLU A 21 -3.27 -6.32 -0.39
N ALA A 22 -3.17 -5.04 -0.64
CA ALA A 22 -3.51 -4.05 0.42
C ALA A 22 -5.02 -4.13 0.72
N SER A 23 -5.85 -4.06 -0.28
CA SER A 23 -7.31 -4.13 0.00
C SER A 23 -7.60 -5.38 0.84
N LYS A 24 -7.00 -6.48 0.52
CA LYS A 24 -7.23 -7.72 1.33
C LYS A 24 -6.53 -7.58 2.68
N TYR A 25 -5.24 -7.58 2.64
CA TYR A 25 -4.41 -7.45 3.88
C TYR A 25 -4.80 -6.18 4.65
N PHE A 26 -4.72 -5.05 4.01
CA PHE A 26 -5.07 -3.75 4.66
C PHE A 26 -6.52 -3.41 4.35
N ARG A 27 -7.44 -4.17 4.89
CA ARG A 27 -8.90 -3.91 4.61
C ARG A 27 -9.18 -2.41 4.68
N ILE A 28 -8.98 -1.71 3.59
CA ILE A 28 -9.25 -0.25 3.54
C ILE A 28 -9.90 0.04 2.18
N GLY A 29 -10.74 1.04 2.11
CA GLY A 29 -11.40 1.35 0.81
C GLY A 29 -10.36 1.45 -0.30
N GLU A 30 -10.41 0.54 -1.22
CA GLU A 30 -9.45 0.53 -2.36
C GLU A 30 -9.30 1.95 -2.92
N ASN A 31 -10.37 2.69 -2.94
CA ASN A 31 -10.34 4.08 -3.51
C ASN A 31 -9.40 4.99 -2.70
N LYS A 32 -9.26 4.76 -1.42
CA LYS A 32 -8.37 5.65 -0.62
C LYS A 32 -6.93 5.37 -1.00
N LEU A 33 -6.54 4.12 -0.97
CA LEU A 33 -5.15 3.77 -1.34
C LEU A 33 -4.78 4.41 -2.67
N ARG A 34 -5.66 4.33 -3.64
CA ARG A 34 -5.37 4.92 -4.97
C ARG A 34 -5.39 6.45 -4.87
N ARG A 35 -6.23 7.00 -4.04
CA ARG A 35 -6.29 8.48 -3.92
C ARG A 35 -5.10 8.99 -3.10
N LEU A 36 -4.66 8.23 -2.14
CA LEU A 36 -3.50 8.66 -1.31
C LEU A 36 -2.25 8.73 -2.21
N ALA A 37 -1.87 7.61 -2.78
CA ALA A 37 -0.67 7.61 -3.66
C ALA A 37 -0.80 8.72 -4.71
N GLU A 38 -1.76 8.60 -5.58
CA GLU A 38 -1.96 9.62 -6.63
C GLU A 38 -1.88 11.03 -6.02
N GLU A 39 -2.21 11.15 -4.76
CA GLU A 39 -2.16 12.49 -4.10
C GLU A 39 -0.75 12.74 -3.58
N ASN A 40 -0.20 11.80 -2.83
CA ASN A 40 1.16 11.97 -2.26
C ASN A 40 2.17 11.14 -3.07
N LYS A 41 2.28 11.42 -4.35
CA LYS A 41 3.24 10.65 -5.20
C LYS A 41 4.59 10.53 -4.49
N ASN A 42 4.91 11.46 -3.62
CA ASN A 42 6.20 11.41 -2.89
C ASN A 42 5.98 10.80 -1.51
N ALA A 43 4.92 10.06 -1.34
CA ALA A 43 4.65 9.44 -0.01
C ALA A 43 5.86 8.62 0.42
N ASN A 44 6.13 8.58 1.70
CA ASN A 44 7.29 7.78 2.19
C ASN A 44 6.92 6.29 2.23
N TRP A 45 5.69 5.95 1.87
CA TRP A 45 5.24 4.52 1.93
C TRP A 45 4.82 4.01 0.55
N LEU A 46 4.62 4.86 -0.42
CA LEU A 46 4.18 4.38 -1.77
C LEU A 46 5.41 4.09 -2.65
N ILE A 47 5.26 3.18 -3.59
CA ILE A 47 6.39 2.82 -4.48
C ILE A 47 5.84 2.55 -5.88
N MET A 48 6.22 3.34 -6.85
CA MET A 48 5.72 3.12 -8.23
C MET A 48 6.69 2.20 -8.98
N ASN A 49 6.30 0.98 -9.18
CA ASN A 49 7.17 0.02 -9.92
C ASN A 49 6.84 0.11 -11.40
N GLY A 50 7.43 1.04 -12.10
CA GLY A 50 7.13 1.20 -13.55
C GLY A 50 5.78 1.89 -13.68
N ASN A 51 4.75 1.25 -13.21
CA ASN A 51 3.39 1.84 -13.31
C ASN A 51 2.51 1.34 -12.16
N ARG A 52 2.77 0.16 -11.67
CA ARG A 52 1.93 -0.39 -10.56
C ARG A 52 2.35 0.23 -9.23
N ILE A 53 1.41 0.78 -8.51
CA ILE A 53 1.74 1.40 -7.19
C ILE A 53 1.74 0.30 -6.12
N GLN A 54 2.59 0.42 -5.11
CA GLN A 54 2.63 -0.62 -4.04
C GLN A 54 2.61 0.05 -2.66
N ILE A 55 1.97 -0.58 -1.72
CA ILE A 55 1.85 -0.01 -0.34
C ILE A 55 2.96 -0.60 0.55
N LYS A 56 3.49 0.20 1.44
CA LYS A 56 4.55 -0.32 2.36
C LYS A 56 3.86 -1.03 3.52
N ARG A 57 4.46 -2.05 4.05
CA ARG A 57 3.83 -2.80 5.19
C ARG A 57 4.46 -2.36 6.52
N LYS A 58 5.75 -2.18 6.55
CA LYS A 58 6.41 -1.77 7.82
C LYS A 58 5.78 -0.47 8.36
N GLN A 59 5.96 0.61 7.68
CA GLN A 59 5.39 1.92 8.18
C GLN A 59 3.87 1.85 8.25
N PHE A 60 3.24 1.15 7.35
CA PHE A 60 1.75 1.08 7.37
C PHE A 60 1.27 0.05 8.40
N GLU A 61 1.65 -1.20 8.25
CA GLU A 61 1.19 -2.25 9.20
C GLU A 61 1.20 -1.74 10.65
N LYS A 62 2.06 -0.83 10.99
CA LYS A 62 2.08 -0.32 12.39
C LYS A 62 0.84 0.52 12.66
N ILE A 63 0.39 1.28 11.70
CA ILE A 63 -0.80 2.16 11.92
C ILE A 63 -2.09 1.48 11.43
N ILE A 64 -2.18 0.17 11.47
CA ILE A 64 -3.43 -0.48 10.99
C ILE A 64 -4.49 -0.49 12.11
N ASP A 65 -4.19 -1.08 13.24
CA ASP A 65 -5.18 -1.11 14.35
C ASP A 65 -5.36 0.32 14.88
N THR A 66 -4.63 1.24 14.31
CA THR A 66 -4.69 2.66 14.73
C THR A 66 -5.84 3.36 14.02
N LEU A 67 -6.20 2.90 12.85
CA LEU A 67 -7.28 3.56 12.09
C LEU A 67 -8.63 3.19 12.71
N ILE A 9 3.42 -11.59 -7.49
CA ILE A 9 4.26 -12.42 -6.57
C ILE A 9 3.44 -12.70 -5.30
N PRO A 10 3.59 -13.86 -4.69
CA PRO A 10 2.84 -14.20 -3.45
C PRO A 10 2.79 -13.02 -2.47
N ILE A 11 1.70 -12.88 -1.77
CA ILE A 11 1.53 -11.76 -0.81
C ILE A 11 2.35 -12.01 0.48
N TRP A 12 2.90 -13.20 0.66
CA TRP A 12 3.70 -13.50 1.89
C TRP A 12 5.21 -13.42 1.59
N GLU A 13 5.59 -13.21 0.35
CA GLU A 13 7.05 -13.14 -0.01
C GLU A 13 7.36 -11.78 -0.66
N ARG A 14 6.37 -10.95 -0.82
CA ARG A 14 6.60 -9.62 -1.44
C ARG A 14 7.25 -8.67 -0.44
N TYR A 15 7.42 -7.43 -0.83
CA TYR A 15 8.03 -6.41 0.08
C TYR A 15 6.99 -5.30 0.26
N THR A 16 6.07 -5.20 -0.66
CA THR A 16 4.98 -4.17 -0.58
C THR A 16 3.70 -4.82 -1.10
N LEU A 17 2.54 -4.35 -0.68
CA LEU A 17 1.25 -4.96 -1.15
C LEU A 17 0.58 -4.06 -2.19
N THR A 18 -0.05 -4.65 -3.17
CA THR A 18 -0.74 -3.84 -4.20
C THR A 18 -2.05 -3.33 -3.64
N ILE A 19 -2.80 -2.63 -4.42
CA ILE A 19 -4.10 -2.13 -3.91
C ILE A 19 -4.98 -3.35 -3.60
N GLU A 20 -4.89 -4.37 -4.41
CA GLU A 20 -5.72 -5.58 -4.16
C GLU A 20 -5.22 -6.29 -2.91
N GLU A 21 -3.93 -6.55 -2.80
CA GLU A 21 -3.43 -7.21 -1.58
C GLU A 21 -3.63 -6.25 -0.41
N ALA A 22 -3.49 -4.98 -0.63
CA ALA A 22 -3.70 -3.99 0.46
C ALA A 22 -5.17 -4.03 0.89
N SER A 23 -6.08 -3.96 -0.04
CA SER A 23 -7.51 -3.98 0.34
C SER A 23 -7.80 -5.24 1.18
N LYS A 24 -7.31 -6.37 0.77
CA LYS A 24 -7.56 -7.62 1.56
C LYS A 24 -6.75 -7.58 2.86
N TYR A 25 -5.46 -7.47 2.72
CA TYR A 25 -4.55 -7.43 3.91
C TYR A 25 -4.81 -6.16 4.74
N PHE A 26 -4.69 -5.02 4.12
CA PHE A 26 -4.91 -3.71 4.81
C PHE A 26 -6.36 -3.27 4.58
N ARG A 27 -7.30 -3.96 5.14
CA ARG A 27 -8.74 -3.60 4.95
C ARG A 27 -8.93 -2.08 5.04
N ILE A 28 -8.75 -1.40 3.94
CA ILE A 28 -8.94 0.09 3.92
C ILE A 28 -9.71 0.45 2.64
N GLY A 29 -10.19 1.65 2.54
CA GLY A 29 -10.95 2.05 1.31
C GLY A 29 -10.06 1.85 0.08
N GLU A 30 -10.47 1.02 -0.83
CA GLU A 30 -9.67 0.79 -2.06
C GLU A 30 -9.31 2.14 -2.70
N ASN A 31 -10.30 2.94 -2.95
CA ASN A 31 -10.07 4.27 -3.59
C ASN A 31 -9.23 5.17 -2.68
N LYS A 32 -9.26 4.95 -1.40
CA LYS A 32 -8.46 5.81 -0.49
C LYS A 32 -7.00 5.61 -0.83
N LEU A 33 -6.57 4.39 -0.86
CA LEU A 33 -5.15 4.08 -1.21
C LEU A 33 -4.77 4.80 -2.50
N ARG A 34 -5.61 4.74 -3.49
CA ARG A 34 -5.30 5.40 -4.80
C ARG A 34 -5.00 6.89 -4.58
N ARG A 35 -5.94 7.62 -4.04
CA ARG A 35 -5.72 9.08 -3.83
C ARG A 35 -4.60 9.29 -2.81
N LEU A 36 -4.40 8.37 -1.92
CA LEU A 36 -3.32 8.55 -0.91
C LEU A 36 -1.94 8.60 -1.60
N ALA A 37 -1.73 7.74 -2.57
CA ALA A 37 -0.41 7.71 -3.26
C ALA A 37 -0.42 8.62 -4.50
N GLU A 38 -1.34 8.39 -5.40
CA GLU A 38 -1.41 9.22 -6.65
C GLU A 38 -1.18 10.70 -6.33
N GLU A 39 -1.69 11.19 -5.24
CA GLU A 39 -1.50 12.63 -4.90
C GLU A 39 -0.16 12.82 -4.20
N ASN A 40 0.22 11.87 -3.40
CA ASN A 40 1.53 11.97 -2.66
C ASN A 40 2.59 11.15 -3.39
N LYS A 41 2.74 11.35 -4.67
CA LYS A 41 3.77 10.59 -5.44
C LYS A 41 5.10 10.58 -4.67
N ASN A 42 5.29 11.52 -3.79
CA ASN A 42 6.57 11.59 -3.01
C ASN A 42 6.36 10.95 -1.64
N ALA A 43 5.29 10.22 -1.47
CA ALA A 43 5.02 9.57 -0.16
C ALA A 43 6.23 8.72 0.25
N ASN A 44 6.59 8.74 1.50
CA ASN A 44 7.75 7.92 1.96
C ASN A 44 7.32 6.46 2.11
N TRP A 45 6.07 6.14 1.82
CA TRP A 45 5.58 4.73 1.98
C TRP A 45 5.06 4.15 0.66
N LEU A 46 4.82 4.96 -0.34
CA LEU A 46 4.28 4.42 -1.62
C LEU A 46 5.43 4.04 -2.57
N ILE A 47 5.18 3.16 -3.49
CA ILE A 47 6.23 2.71 -4.45
C ILE A 47 5.60 2.51 -5.83
N MET A 48 6.22 3.04 -6.85
CA MET A 48 5.67 2.89 -8.23
C MET A 48 6.52 1.89 -9.01
N ASN A 49 6.06 0.69 -9.14
CA ASN A 49 6.83 -0.34 -9.90
C ASN A 49 6.55 -0.13 -11.39
N GLY A 50 7.24 0.78 -12.00
CA GLY A 50 6.99 1.05 -13.45
C GLY A 50 5.71 1.83 -13.58
N ASN A 51 4.62 1.27 -13.12
CA ASN A 51 3.32 1.96 -13.22
C ASN A 51 2.41 1.50 -12.07
N ARG A 52 2.54 0.27 -11.66
CA ARG A 52 1.68 -0.25 -10.57
C ARG A 52 2.12 0.33 -9.21
N ILE A 53 1.21 0.92 -8.49
CA ILE A 53 1.55 1.47 -7.16
C ILE A 53 1.46 0.35 -6.12
N GLN A 54 2.44 0.25 -5.23
CA GLN A 54 2.40 -0.85 -4.20
C GLN A 54 2.51 -0.24 -2.79
N ILE A 55 1.85 -0.84 -1.83
CA ILE A 55 1.85 -0.34 -0.43
C ILE A 55 2.94 -1.01 0.39
N LYS A 56 3.57 -0.30 1.29
CA LYS A 56 4.62 -0.92 2.14
C LYS A 56 3.94 -1.66 3.29
N ARG A 57 4.54 -2.72 3.76
CA ARG A 57 3.93 -3.51 4.88
C ARG A 57 4.70 -3.23 6.18
N LYS A 58 5.87 -2.66 6.10
CA LYS A 58 6.67 -2.41 7.33
C LYS A 58 6.20 -1.14 8.04
N GLN A 59 6.40 0.00 7.45
CA GLN A 59 5.98 1.28 8.10
C GLN A 59 4.47 1.29 8.25
N PHE A 60 3.77 0.68 7.34
CA PHE A 60 2.28 0.67 7.43
C PHE A 60 1.85 -0.23 8.61
N GLU A 61 2.40 -1.41 8.72
CA GLU A 61 2.02 -2.30 9.85
C GLU A 61 2.10 -1.53 11.17
N LYS A 62 3.02 -0.61 11.30
CA LYS A 62 3.14 0.15 12.57
C LYS A 62 1.93 1.07 12.76
N ILE A 63 1.26 1.41 11.70
CA ILE A 63 0.09 2.34 11.81
C ILE A 63 -1.19 1.68 11.29
N ILE A 64 -1.34 0.40 11.43
CA ILE A 64 -2.59 -0.25 10.92
C ILE A 64 -3.77 0.08 11.87
N ASP A 65 -3.53 0.10 13.16
CA ASP A 65 -4.64 0.40 14.13
C ASP A 65 -4.63 1.88 14.55
N THR A 66 -3.69 2.65 14.09
CA THR A 66 -3.64 4.10 14.48
C THR A 66 -4.55 4.90 13.56
N LEU A 67 -5.02 4.30 12.51
CA LEU A 67 -5.89 5.04 11.56
C LEU A 67 -7.28 5.23 12.19
N ILE A 9 4.90 -11.78 -6.82
CA ILE A 9 5.62 -12.52 -5.75
C ILE A 9 4.62 -12.88 -4.64
N PRO A 10 4.64 -14.07 -4.10
CA PRO A 10 3.72 -14.44 -3.00
C PRO A 10 3.66 -13.35 -1.93
N ILE A 11 2.55 -12.67 -1.85
CA ILE A 11 2.35 -11.56 -0.87
C ILE A 11 3.18 -11.77 0.42
N TRP A 12 3.24 -12.97 0.94
CA TRP A 12 4.01 -13.22 2.21
C TRP A 12 5.53 -13.28 1.91
N GLU A 13 5.96 -12.82 0.77
CA GLU A 13 7.42 -12.85 0.43
C GLU A 13 7.89 -11.46 0.01
N ARG A 14 7.00 -10.63 -0.50
CA ARG A 14 7.44 -9.26 -0.92
C ARG A 14 7.56 -8.36 0.31
N TYR A 15 8.13 -7.19 0.14
CA TYR A 15 8.31 -6.25 1.28
C TYR A 15 7.22 -5.18 1.22
N THR A 16 6.53 -5.10 0.12
CA THR A 16 5.43 -4.10 -0.04
C THR A 16 4.23 -4.80 -0.68
N LEU A 17 3.03 -4.31 -0.44
CA LEU A 17 1.81 -4.97 -1.01
C LEU A 17 1.18 -4.09 -2.09
N THR A 18 0.62 -4.71 -3.10
CA THR A 18 -0.04 -3.93 -4.19
C THR A 18 -1.39 -3.46 -3.70
N ILE A 19 -2.15 -2.81 -4.54
CA ILE A 19 -3.48 -2.35 -4.11
C ILE A 19 -4.35 -3.58 -3.88
N GLU A 20 -4.22 -4.57 -4.73
CA GLU A 20 -5.03 -5.80 -4.56
C GLU A 20 -4.53 -6.55 -3.32
N GLU A 21 -3.25 -6.66 -3.15
CA GLU A 21 -2.72 -7.35 -1.96
C GLU A 21 -3.10 -6.50 -0.74
N ALA A 22 -3.08 -5.20 -0.89
CA ALA A 22 -3.44 -4.30 0.25
C ALA A 22 -4.93 -4.45 0.55
N SER A 23 -5.77 -4.40 -0.45
CA SER A 23 -7.22 -4.54 -0.18
C SER A 23 -7.47 -5.84 0.58
N LYS A 24 -6.80 -6.90 0.21
CA LYS A 24 -7.00 -8.19 0.94
C LYS A 24 -6.29 -8.11 2.30
N TYR A 25 -5.00 -7.91 2.28
CA TYR A 25 -4.20 -7.83 3.54
C TYR A 25 -4.58 -6.57 4.33
N PHE A 26 -4.42 -5.43 3.72
CA PHE A 26 -4.75 -4.13 4.36
C PHE A 26 -6.19 -3.75 4.01
N ARG A 27 -7.15 -4.46 4.52
CA ARG A 27 -8.57 -4.15 4.20
C ARG A 27 -8.84 -2.64 4.30
N ILE A 28 -8.52 -1.93 3.26
CA ILE A 28 -8.75 -0.45 3.23
C ILE A 28 -9.57 -0.13 1.98
N GLY A 29 -10.23 0.98 1.94
CA GLY A 29 -11.02 1.32 0.72
C GLY A 29 -10.11 1.22 -0.50
N GLU A 30 -10.41 0.35 -1.41
CA GLU A 30 -9.55 0.19 -2.63
C GLU A 30 -9.21 1.58 -3.20
N ASN A 31 -10.21 2.31 -3.60
CA ASN A 31 -9.97 3.66 -4.18
C ASN A 31 -9.36 4.58 -3.13
N LYS A 32 -9.53 4.27 -1.88
CA LYS A 32 -8.94 5.13 -0.81
C LYS A 32 -7.42 5.00 -0.85
N LEU A 33 -6.95 3.83 -1.20
CA LEU A 33 -5.48 3.60 -1.29
C LEU A 33 -4.92 4.34 -2.52
N ARG A 34 -5.40 4.00 -3.68
CA ARG A 34 -4.91 4.66 -4.92
C ARG A 34 -5.01 6.19 -4.79
N ARG A 35 -5.96 6.66 -4.02
CA ARG A 35 -6.10 8.13 -3.85
C ARG A 35 -4.99 8.68 -2.96
N LEU A 36 -4.56 7.91 -2.00
CA LEU A 36 -3.48 8.39 -1.09
C LEU A 36 -2.19 8.64 -1.88
N ALA A 37 -1.78 7.71 -2.70
CA ALA A 37 -0.53 7.87 -3.48
C ALA A 37 -0.72 8.89 -4.62
N GLU A 38 -1.69 8.68 -5.45
CA GLU A 38 -1.91 9.61 -6.60
C GLU A 38 -1.80 11.07 -6.13
N GLU A 39 -2.12 11.35 -4.91
CA GLU A 39 -2.01 12.77 -4.42
C GLU A 39 -0.59 13.04 -3.93
N ASN A 40 -0.11 12.22 -3.05
CA ASN A 40 1.28 12.41 -2.50
C ASN A 40 2.24 11.45 -3.18
N LYS A 41 2.46 11.60 -4.46
CA LYS A 41 3.40 10.70 -5.18
C LYS A 41 4.71 10.58 -4.39
N ASN A 42 4.99 11.54 -3.56
CA ASN A 42 6.26 11.51 -2.76
C ASN A 42 6.00 10.89 -1.39
N ALA A 43 4.95 10.14 -1.25
CA ALA A 43 4.65 9.50 0.06
C ALA A 43 5.87 8.69 0.52
N ASN A 44 6.12 8.63 1.79
CA ASN A 44 7.29 7.85 2.29
C ASN A 44 6.95 6.35 2.31
N TRP A 45 5.75 5.99 1.92
CA TRP A 45 5.34 4.54 1.94
C TRP A 45 4.91 4.04 0.55
N LEU A 46 4.69 4.93 -0.39
CA LEU A 46 4.26 4.46 -1.75
C LEU A 46 5.49 4.20 -2.63
N ILE A 47 5.34 3.35 -3.61
CA ILE A 47 6.48 3.00 -4.50
C ILE A 47 5.97 2.85 -5.94
N MET A 48 6.55 3.55 -6.87
CA MET A 48 6.10 3.44 -8.29
C MET A 48 6.98 2.44 -9.02
N ASN A 49 6.48 1.25 -9.24
CA ASN A 49 7.28 0.21 -9.97
C ASN A 49 6.89 0.24 -11.45
N GLY A 50 7.46 1.14 -12.20
CA GLY A 50 7.11 1.22 -13.64
C GLY A 50 5.80 1.97 -13.78
N ASN A 51 4.72 1.36 -13.37
CA ASN A 51 3.40 2.03 -13.48
C ASN A 51 2.46 1.57 -12.36
N ARG A 52 2.79 0.51 -11.67
CA ARG A 52 1.90 0.02 -10.57
C ARG A 52 2.35 0.59 -9.22
N ILE A 53 1.42 1.16 -8.49
CA ILE A 53 1.77 1.74 -7.15
C ILE A 53 1.71 0.62 -6.09
N GLN A 54 2.72 0.48 -5.28
CA GLN A 54 2.71 -0.59 -4.23
C GLN A 54 2.63 0.05 -2.83
N ILE A 55 1.97 -0.62 -1.92
CA ILE A 55 1.81 -0.08 -0.54
C ILE A 55 2.93 -0.61 0.35
N LYS A 56 3.33 0.14 1.35
CA LYS A 56 4.41 -0.35 2.26
C LYS A 56 3.77 -1.28 3.30
N ARG A 57 4.51 -2.27 3.75
CA ARG A 57 3.95 -3.24 4.73
C ARG A 57 4.45 -2.91 6.14
N LYS A 58 5.70 -2.52 6.28
CA LYS A 58 6.24 -2.22 7.64
C LYS A 58 5.64 -0.93 8.19
N GLN A 59 5.93 0.19 7.59
CA GLN A 59 5.40 1.48 8.12
C GLN A 59 3.86 1.43 8.18
N PHE A 60 3.25 0.58 7.40
CA PHE A 60 1.75 0.51 7.41
C PHE A 60 1.29 -0.53 8.45
N GLU A 61 1.70 -1.77 8.31
CA GLU A 61 1.27 -2.83 9.26
C GLU A 61 1.24 -2.29 10.70
N LYS A 62 2.08 -1.34 11.01
CA LYS A 62 2.09 -0.79 12.39
C LYS A 62 0.83 0.02 12.65
N ILE A 63 0.41 0.81 11.69
CA ILE A 63 -0.80 1.65 11.89
C ILE A 63 -2.04 0.98 11.31
N ILE A 64 -2.14 -0.34 11.34
CA ILE A 64 -3.36 -0.99 10.76
C ILE A 64 -4.49 -0.97 11.80
N ASP A 65 -4.17 -1.13 13.06
CA ASP A 65 -5.24 -1.13 14.11
C ASP A 65 -5.42 0.29 14.68
N THR A 66 -4.60 1.21 14.26
CA THR A 66 -4.70 2.61 14.77
C THR A 66 -5.73 3.38 13.93
N LEU A 67 -6.09 2.86 12.80
CA LEU A 67 -7.05 3.57 11.94
C LEU A 67 -8.46 3.45 12.55
N ILE A 9 5.39 -11.59 -6.02
CA ILE A 9 6.13 -12.11 -4.84
C ILE A 9 5.12 -12.47 -3.73
N PRO A 10 5.24 -13.61 -3.09
CA PRO A 10 4.31 -13.99 -1.99
C PRO A 10 4.14 -12.84 -0.99
N ILE A 11 2.94 -12.41 -0.81
CA ILE A 11 2.64 -11.29 0.11
C ILE A 11 3.39 -11.41 1.44
N TRP A 12 3.74 -12.60 1.88
CA TRP A 12 4.45 -12.77 3.21
C TRP A 12 5.97 -12.71 3.03
N GLU A 13 6.46 -12.56 1.83
CA GLU A 13 7.96 -12.52 1.61
C GLU A 13 8.36 -11.15 1.05
N ARG A 14 7.42 -10.32 0.71
CA ARG A 14 7.76 -8.98 0.16
C ARG A 14 8.05 -8.00 1.31
N TYR A 15 8.26 -6.75 1.00
CA TYR A 15 8.53 -5.72 2.05
C TYR A 15 7.45 -4.64 1.93
N THR A 16 6.69 -4.69 0.87
CA THR A 16 5.58 -3.71 0.65
C THR A 16 4.43 -4.44 -0.02
N LEU A 17 3.20 -4.02 0.20
CA LEU A 17 2.02 -4.72 -0.41
C LEU A 17 1.48 -3.96 -1.62
N THR A 18 1.10 -4.68 -2.64
CA THR A 18 0.55 -4.02 -3.85
C THR A 18 -0.90 -3.62 -3.57
N ILE A 19 -1.59 -3.14 -4.57
CA ILE A 19 -3.00 -2.76 -4.37
C ILE A 19 -3.80 -4.02 -4.04
N GLU A 20 -3.52 -5.08 -4.76
CA GLU A 20 -4.26 -6.35 -4.52
C GLU A 20 -3.85 -6.92 -3.16
N GLU A 21 -2.58 -6.89 -2.84
CA GLU A 21 -2.15 -7.42 -1.53
C GLU A 21 -2.73 -6.51 -0.44
N ALA A 22 -2.73 -5.23 -0.66
CA ALA A 22 -3.29 -4.29 0.37
C ALA A 22 -4.79 -4.51 0.48
N SER A 23 -5.51 -4.45 -0.60
CA SER A 23 -6.97 -4.65 -0.50
C SER A 23 -7.27 -5.94 0.29
N LYS A 24 -6.47 -6.96 0.12
CA LYS A 24 -6.70 -8.21 0.89
C LYS A 24 -6.19 -8.02 2.32
N TYR A 25 -4.92 -7.76 2.44
CA TYR A 25 -4.26 -7.56 3.77
C TYR A 25 -4.84 -6.30 4.46
N PHE A 26 -4.71 -5.18 3.81
CA PHE A 26 -5.23 -3.90 4.36
C PHE A 26 -6.64 -3.67 3.83
N ARG A 27 -7.58 -4.49 4.25
CA ARG A 27 -8.99 -4.34 3.75
C ARG A 27 -9.40 -2.86 3.70
N ILE A 28 -9.12 -2.23 2.60
CA ILE A 28 -9.47 -0.80 2.41
C ILE A 28 -10.02 -0.65 0.98
N GLY A 29 -10.70 0.42 0.68
CA GLY A 29 -11.22 0.60 -0.70
C GLY A 29 -10.06 0.63 -1.70
N GLU A 30 -10.10 -0.22 -2.69
CA GLU A 30 -8.99 -0.24 -3.70
C GLU A 30 -8.73 1.18 -4.21
N ASN A 31 -9.76 1.84 -4.66
CA ASN A 31 -9.59 3.22 -5.19
C ASN A 31 -9.03 4.14 -4.11
N LYS A 32 -9.12 3.73 -2.87
CA LYS A 32 -8.58 4.59 -1.78
C LYS A 32 -7.07 4.66 -1.93
N LEU A 33 -6.45 3.57 -2.30
CA LEU A 33 -4.99 3.55 -2.50
C LEU A 33 -4.64 4.34 -3.77
N ARG A 34 -5.14 3.91 -4.90
CA ARG A 34 -4.84 4.63 -6.17
C ARG A 34 -4.98 6.14 -5.97
N ARG A 35 -5.93 6.57 -5.19
CA ARG A 35 -6.12 8.03 -4.97
C ARG A 35 -5.07 8.54 -3.98
N LEU A 36 -4.88 7.86 -2.89
CA LEU A 36 -3.90 8.33 -1.87
C LEU A 36 -2.50 8.39 -2.51
N ALA A 37 -2.14 7.40 -3.28
CA ALA A 37 -0.80 7.43 -3.93
C ALA A 37 -0.76 8.53 -4.98
N GLU A 38 -1.54 8.40 -6.02
CA GLU A 38 -1.55 9.44 -7.08
C GLU A 38 -1.77 10.82 -6.45
N GLU A 39 -2.21 10.87 -5.22
CA GLU A 39 -2.44 12.18 -4.57
C GLU A 39 -1.11 12.69 -3.98
N ASN A 40 -0.23 11.79 -3.63
CA ASN A 40 1.08 12.19 -3.04
C ASN A 40 2.20 11.40 -3.69
N LYS A 41 2.42 11.58 -4.97
CA LYS A 41 3.50 10.84 -5.68
C LYS A 41 4.79 10.88 -4.83
N ASN A 42 4.87 11.81 -3.92
CA ASN A 42 6.08 11.94 -3.06
C ASN A 42 5.81 11.32 -1.68
N ALA A 43 4.74 10.58 -1.56
CA ALA A 43 4.42 9.95 -0.24
C ALA A 43 5.64 9.17 0.24
N ASN A 44 5.86 9.12 1.52
CA ASN A 44 7.03 8.36 2.06
C ASN A 44 6.70 6.86 2.08
N TRP A 45 5.43 6.53 2.05
CA TRP A 45 5.02 5.09 2.12
C TRP A 45 4.69 4.50 0.74
N LEU A 46 4.50 5.30 -0.29
CA LEU A 46 4.14 4.73 -1.62
C LEU A 46 5.43 4.47 -2.43
N ILE A 47 5.34 3.59 -3.40
CA ILE A 47 6.53 3.26 -4.24
C ILE A 47 6.06 3.12 -5.68
N MET A 48 6.93 3.40 -6.63
CA MET A 48 6.56 3.30 -8.07
C MET A 48 7.48 2.27 -8.76
N ASN A 49 6.94 1.48 -9.64
CA ASN A 49 7.78 0.46 -10.35
C ASN A 49 7.13 0.15 -11.70
N GLY A 50 7.28 1.03 -12.65
CA GLY A 50 6.67 0.80 -13.98
C GLY A 50 5.22 1.25 -13.96
N ASN A 51 4.36 0.42 -13.45
CA ASN A 51 2.92 0.78 -13.38
C ASN A 51 2.27 0.10 -12.18
N ARG A 52 3.05 -0.50 -11.31
CA ARG A 52 2.49 -1.19 -10.11
C ARG A 52 2.82 -0.38 -8.85
N ILE A 53 1.82 0.08 -8.15
CA ILE A 53 2.07 0.87 -6.91
C ILE A 53 2.27 -0.10 -5.74
N GLN A 54 3.30 0.10 -4.96
CA GLN A 54 3.56 -0.80 -3.78
C GLN A 54 3.20 -0.04 -2.50
N ILE A 55 2.44 -0.67 -1.65
CA ILE A 55 2.04 -0.02 -0.35
C ILE A 55 3.05 -0.42 0.71
N LYS A 56 3.41 0.48 1.59
CA LYS A 56 4.38 0.11 2.65
C LYS A 56 3.65 -0.67 3.74
N ARG A 57 4.34 -1.56 4.39
CA ARG A 57 3.71 -2.36 5.48
C ARG A 57 4.15 -1.81 6.84
N LYS A 58 5.34 -1.28 6.91
CA LYS A 58 5.83 -0.74 8.21
C LYS A 58 5.05 0.52 8.60
N GLN A 59 5.18 1.58 7.85
CA GLN A 59 4.48 2.83 8.20
C GLN A 59 2.95 2.65 8.11
N PHE A 60 2.51 1.65 7.39
CA PHE A 60 1.03 1.44 7.24
C PHE A 60 0.53 0.44 8.30
N GLU A 61 1.11 -0.72 8.41
CA GLU A 61 0.63 -1.71 9.42
C GLU A 61 0.51 -1.05 10.80
N LYS A 62 1.34 -0.08 11.11
CA LYS A 62 1.26 0.57 12.45
C LYS A 62 0.02 1.45 12.53
N ILE A 63 -0.74 1.56 11.47
CA ILE A 63 -1.96 2.43 11.50
C ILE A 63 -3.18 1.71 10.90
N ILE A 64 -3.28 0.42 11.04
CA ILE A 64 -4.49 -0.27 10.47
C ILE A 64 -5.66 -0.21 11.46
N ASP A 65 -5.39 -0.36 12.73
CA ASP A 65 -6.49 -0.30 13.74
C ASP A 65 -6.69 1.14 14.22
N THR A 66 -5.86 2.04 13.81
CA THR A 66 -5.99 3.47 14.25
C THR A 66 -6.93 4.21 13.31
N LEU A 67 -7.21 3.67 12.16
CA LEU A 67 -8.11 4.37 11.21
C LEU A 67 -9.56 4.25 11.70
N ILE A 9 4.71 -11.68 -6.50
CA ILE A 9 5.46 -12.43 -5.45
C ILE A 9 4.47 -12.83 -4.33
N PRO A 10 4.64 -13.99 -3.72
CA PRO A 10 3.72 -14.40 -2.62
C PRO A 10 3.62 -13.28 -1.55
N ILE A 11 2.46 -12.70 -1.44
CA ILE A 11 2.23 -11.60 -0.47
C ILE A 11 3.00 -11.81 0.86
N TRP A 12 3.34 -13.02 1.22
CA TRP A 12 4.09 -13.25 2.51
C TRP A 12 5.61 -13.27 2.24
N GLU A 13 6.03 -12.84 1.07
CA GLU A 13 7.51 -12.84 0.74
C GLU A 13 7.94 -11.45 0.26
N ARG A 14 7.02 -10.58 -0.03
CA ARG A 14 7.41 -9.21 -0.51
C ARG A 14 7.77 -8.32 0.69
N TYR A 15 8.03 -7.08 0.43
CA TYR A 15 8.38 -6.11 1.53
C TYR A 15 7.31 -5.02 1.55
N THR A 16 6.50 -4.99 0.52
CA THR A 16 5.39 -3.99 0.42
C THR A 16 4.20 -4.67 -0.24
N LEU A 17 2.99 -4.25 0.05
CA LEU A 17 1.78 -4.90 -0.56
C LEU A 17 1.21 -4.05 -1.69
N THR A 18 0.68 -4.70 -2.69
CA THR A 18 0.07 -3.96 -3.84
C THR A 18 -1.33 -3.51 -3.45
N ILE A 19 -2.02 -2.89 -4.36
CA ILE A 19 -3.39 -2.45 -4.04
C ILE A 19 -4.23 -3.71 -3.85
N GLU A 20 -3.98 -4.71 -4.65
CA GLU A 20 -4.75 -5.98 -4.52
C GLU A 20 -4.36 -6.66 -3.21
N GLU A 21 -3.08 -6.73 -2.92
CA GLU A 21 -2.66 -7.34 -1.64
C GLU A 21 -3.18 -6.45 -0.52
N ALA A 22 -3.06 -5.15 -0.68
CA ALA A 22 -3.53 -4.21 0.37
C ALA A 22 -5.03 -4.36 0.56
N SER A 23 -5.79 -4.43 -0.49
CA SER A 23 -7.24 -4.56 -0.30
C SER A 23 -7.54 -5.81 0.55
N LYS A 24 -6.98 -6.93 0.23
CA LYS A 24 -7.27 -8.15 1.06
C LYS A 24 -6.59 -8.01 2.43
N TYR A 25 -5.32 -7.74 2.43
CA TYR A 25 -4.54 -7.59 3.69
C TYR A 25 -4.98 -6.33 4.44
N PHE A 26 -4.85 -5.19 3.80
CA PHE A 26 -5.25 -3.89 4.42
C PHE A 26 -6.67 -3.56 3.98
N ARG A 27 -7.63 -4.33 4.40
CA ARG A 27 -9.05 -4.09 4.00
C ARG A 27 -9.41 -2.61 4.12
N ILE A 28 -9.12 -1.86 3.08
CA ILE A 28 -9.42 -0.40 3.07
C ILE A 28 -10.06 -0.07 1.71
N GLY A 29 -10.54 1.13 1.53
CA GLY A 29 -11.16 1.48 0.22
C GLY A 29 -10.15 1.24 -0.91
N GLU A 30 -10.42 0.29 -1.78
CA GLU A 30 -9.48 0.02 -2.90
C GLU A 30 -9.11 1.33 -3.60
N ASN A 31 -10.09 2.02 -4.11
CA ASN A 31 -9.84 3.30 -4.83
C ASN A 31 -9.23 4.34 -3.88
N LYS A 32 -9.38 4.17 -2.59
CA LYS A 32 -8.79 5.18 -1.66
C LYS A 32 -7.27 5.06 -1.76
N LEU A 33 -6.76 3.88 -1.55
CA LEU A 33 -5.29 3.66 -1.63
C LEU A 33 -4.74 4.34 -2.89
N ARG A 34 -5.29 4.03 -4.03
CA ARG A 34 -4.80 4.65 -5.30
C ARG A 34 -4.77 6.17 -5.15
N ARG A 35 -5.89 6.78 -4.89
CA ARG A 35 -5.93 8.26 -4.75
C ARG A 35 -4.92 8.70 -3.69
N LEU A 36 -4.69 7.90 -2.70
CA LEU A 36 -3.72 8.28 -1.63
C LEU A 36 -2.31 8.35 -2.23
N ALA A 37 -1.99 7.45 -3.12
CA ALA A 37 -0.62 7.46 -3.74
C ALA A 37 -0.62 8.35 -4.99
N GLU A 38 -1.47 8.05 -5.93
CA GLU A 38 -1.53 8.85 -7.18
C GLU A 38 -1.52 10.35 -6.87
N GLU A 39 -2.06 10.75 -5.74
CA GLU A 39 -2.08 12.20 -5.40
C GLU A 39 -0.75 12.63 -4.79
N ASN A 40 -0.03 11.70 -4.19
CA ASN A 40 1.28 12.05 -3.56
C ASN A 40 2.35 11.05 -4.01
N LYS A 41 2.68 11.05 -5.28
CA LYS A 41 3.71 10.11 -5.79
C LYS A 41 4.93 10.12 -4.86
N ASN A 42 5.10 11.19 -4.12
CA ASN A 42 6.27 11.30 -3.19
C ASN A 42 5.85 10.93 -1.77
N ALA A 43 4.79 10.20 -1.60
CA ALA A 43 4.35 9.83 -0.23
C ALA A 43 5.51 9.13 0.50
N ASN A 44 5.60 9.30 1.79
CA ASN A 44 6.70 8.63 2.55
C ASN A 44 6.36 7.17 2.81
N TRP A 45 5.19 6.73 2.39
CA TRP A 45 4.76 5.30 2.65
C TRP A 45 4.50 4.55 1.34
N LEU A 46 4.36 5.22 0.23
CA LEU A 46 4.07 4.50 -1.06
C LEU A 46 5.39 4.12 -1.73
N ILE A 47 5.33 3.26 -2.72
CA ILE A 47 6.56 2.80 -3.42
C ILE A 47 6.31 2.83 -4.93
N MET A 48 6.99 3.67 -5.66
CA MET A 48 6.80 3.74 -7.13
C MET A 48 7.85 2.85 -7.82
N ASN A 49 7.44 2.13 -8.83
CA ASN A 49 8.39 1.24 -9.56
C ASN A 49 7.94 1.14 -11.01
N GLY A 50 8.17 2.16 -11.79
CA GLY A 50 7.75 2.13 -13.21
C GLY A 50 6.27 2.51 -13.30
N ASN A 51 5.40 1.59 -12.97
CA ASN A 51 3.95 1.89 -13.04
C ASN A 51 3.20 1.05 -11.99
N ARG A 52 3.90 0.31 -11.18
CA ARG A 52 3.23 -0.54 -10.15
C ARG A 52 3.37 0.11 -8.77
N ILE A 53 2.30 0.61 -8.22
CA ILE A 53 2.36 1.25 -6.87
C ILE A 53 2.26 0.17 -5.79
N GLN A 54 3.04 0.26 -4.74
CA GLN A 54 2.98 -0.76 -3.64
C GLN A 54 2.87 -0.05 -2.28
N ILE A 55 2.16 -0.63 -1.36
CA ILE A 55 1.99 -0.02 -0.01
C ILE A 55 3.06 -0.54 0.96
N LYS A 56 3.50 0.30 1.88
CA LYS A 56 4.54 -0.16 2.85
C LYS A 56 3.88 -0.94 3.99
N ARG A 57 4.17 -2.20 4.09
CA ARG A 57 3.58 -3.02 5.18
C ARG A 57 4.08 -2.49 6.53
N LYS A 58 5.36 -2.48 6.72
CA LYS A 58 5.93 -1.97 8.00
C LYS A 58 5.26 -0.64 8.41
N GLN A 59 5.46 0.39 7.64
CA GLN A 59 4.87 1.72 7.98
C GLN A 59 3.35 1.62 8.17
N PHE A 60 2.65 1.16 7.16
CA PHE A 60 1.16 1.09 7.28
C PHE A 60 0.74 0.06 8.35
N GLU A 61 1.21 -1.16 8.25
CA GLU A 61 0.83 -2.21 9.26
C GLU A 61 0.78 -1.62 10.67
N LYS A 62 1.59 -0.65 10.97
CA LYS A 62 1.57 -0.08 12.35
C LYS A 62 0.26 0.67 12.58
N ILE A 63 -0.25 1.33 11.58
CA ILE A 63 -1.51 2.11 11.75
C ILE A 63 -2.73 1.37 11.18
N ILE A 64 -2.77 0.07 11.25
CA ILE A 64 -3.97 -0.65 10.71
C ILE A 64 -5.09 -0.64 11.76
N ASP A 65 -4.74 -0.66 13.02
CA ASP A 65 -5.79 -0.67 14.10
C ASP A 65 -6.01 0.77 14.62
N THR A 66 -5.23 1.70 14.15
CA THR A 66 -5.38 3.11 14.62
C THR A 66 -6.44 3.81 13.76
N LEU A 67 -6.79 3.23 12.66
CA LEU A 67 -7.79 3.88 11.77
C LEU A 67 -9.19 3.75 12.41
N ILE A 9 5.55 -12.24 -5.94
CA ILE A 9 6.36 -12.73 -4.79
C ILE A 9 5.41 -13.05 -3.62
N PRO A 10 5.61 -14.13 -2.88
CA PRO A 10 4.73 -14.44 -1.71
C PRO A 10 4.60 -13.20 -0.80
N ILE A 11 3.41 -12.68 -0.71
CA ILE A 11 3.16 -11.48 0.14
C ILE A 11 4.03 -11.48 1.43
N TRP A 12 4.14 -12.59 2.10
CA TRP A 12 4.96 -12.64 3.37
C TRP A 12 6.46 -12.55 3.04
N GLU A 13 6.82 -12.26 1.81
CA GLU A 13 8.28 -12.18 1.44
C GLU A 13 8.60 -10.79 0.88
N ARG A 14 7.65 -10.10 0.33
CA ARG A 14 7.95 -8.74 -0.24
C ARG A 14 8.04 -7.72 0.90
N TYR A 15 8.47 -6.53 0.59
CA TYR A 15 8.60 -5.46 1.62
C TYR A 15 7.40 -4.52 1.51
N THR A 16 6.71 -4.56 0.40
CA THR A 16 5.52 -3.68 0.18
C THR A 16 4.39 -4.52 -0.41
N LEU A 17 3.16 -4.10 -0.24
CA LEU A 17 1.99 -4.91 -0.77
C LEU A 17 1.31 -4.17 -1.92
N THR A 18 0.76 -4.90 -2.84
CA THR A 18 0.06 -4.25 -3.98
C THR A 18 -1.33 -3.84 -3.52
N ILE A 19 -2.08 -3.19 -4.36
CA ILE A 19 -3.44 -2.79 -3.96
C ILE A 19 -4.21 -4.08 -3.65
N GLU A 20 -3.98 -5.10 -4.42
CA GLU A 20 -4.69 -6.39 -4.19
C GLU A 20 -4.17 -7.02 -2.90
N GLU A 21 -2.88 -7.07 -2.70
CA GLU A 21 -2.37 -7.66 -1.45
C GLU A 21 -2.81 -6.77 -0.30
N ALA A 22 -2.88 -5.49 -0.54
CA ALA A 22 -3.33 -4.55 0.53
C ALA A 22 -4.80 -4.81 0.84
N SER A 23 -5.66 -4.79 -0.15
CA SER A 23 -7.09 -5.04 0.14
C SER A 23 -7.24 -6.33 0.97
N LYS A 24 -6.41 -7.31 0.73
CA LYS A 24 -6.50 -8.57 1.52
C LYS A 24 -5.85 -8.35 2.90
N TYR A 25 -4.59 -8.02 2.90
CA TYR A 25 -3.83 -7.78 4.17
C TYR A 25 -4.31 -6.46 4.82
N PHE A 26 -4.18 -5.39 4.09
CA PHE A 26 -4.62 -4.05 4.58
C PHE A 26 -6.05 -3.82 4.12
N ARG A 27 -6.98 -4.53 4.67
CA ARG A 27 -8.40 -4.38 4.23
C ARG A 27 -8.83 -2.91 4.30
N ILE A 28 -8.44 -2.15 3.31
CA ILE A 28 -8.82 -0.72 3.23
C ILE A 28 -9.56 -0.53 1.92
N GLY A 29 -10.45 0.42 1.82
CA GLY A 29 -11.20 0.60 0.53
C GLY A 29 -10.22 0.58 -0.64
N GLU A 30 -10.33 -0.40 -1.49
CA GLU A 30 -9.40 -0.49 -2.67
C GLU A 30 -9.30 0.90 -3.33
N ASN A 31 -10.40 1.59 -3.41
CA ASN A 31 -10.41 2.95 -4.04
C ASN A 31 -9.60 3.94 -3.21
N LYS A 32 -9.62 3.83 -1.92
CA LYS A 32 -8.85 4.79 -1.08
C LYS A 32 -7.36 4.56 -1.34
N LEU A 33 -6.90 3.38 -1.02
CA LEU A 33 -5.46 3.05 -1.23
C LEU A 33 -4.93 3.68 -2.52
N ARG A 34 -5.59 3.43 -3.62
CA ARG A 34 -5.13 4.01 -4.91
C ARG A 34 -5.26 5.54 -4.89
N ARG A 35 -6.18 6.06 -4.13
CA ARG A 35 -6.35 7.54 -4.08
C ARG A 35 -5.33 8.16 -3.11
N LEU A 36 -4.97 7.44 -2.08
CA LEU A 36 -3.99 8.00 -1.12
C LEU A 36 -2.64 8.22 -1.82
N ALA A 37 -2.30 7.35 -2.73
CA ALA A 37 -1.00 7.50 -3.45
C ALA A 37 -1.15 8.51 -4.59
N GLU A 38 -2.09 8.31 -5.46
CA GLU A 38 -2.29 9.23 -6.62
C GLU A 38 -2.15 10.69 -6.16
N GLU A 39 -2.61 11.00 -4.97
CA GLU A 39 -2.50 12.42 -4.48
C GLU A 39 -1.11 12.62 -3.88
N ASN A 40 -0.67 11.67 -3.12
CA ASN A 40 0.68 11.77 -2.48
C ASN A 40 1.68 10.96 -3.31
N LYS A 41 1.69 11.15 -4.59
CA LYS A 41 2.63 10.39 -5.46
C LYS A 41 4.04 10.43 -4.85
N ASN A 42 4.35 11.48 -4.15
CA ASN A 42 5.70 11.61 -3.53
C ASN A 42 5.65 11.08 -2.09
N ALA A 43 4.64 10.32 -1.78
CA ALA A 43 4.52 9.76 -0.40
C ALA A 43 5.79 8.99 -0.04
N ASN A 44 6.12 8.94 1.21
CA ASN A 44 7.34 8.18 1.63
C ASN A 44 6.98 6.69 1.74
N TRP A 45 5.70 6.40 1.84
CA TRP A 45 5.25 4.99 2.01
C TRP A 45 4.81 4.36 0.67
N LEU A 46 4.50 5.15 -0.33
CA LEU A 46 4.03 4.55 -1.62
C LEU A 46 5.25 4.28 -2.53
N ILE A 47 5.09 3.40 -3.48
CA ILE A 47 6.21 3.07 -4.40
C ILE A 47 5.65 2.86 -5.82
N MET A 48 6.27 3.44 -6.82
CA MET A 48 5.78 3.29 -8.22
C MET A 48 6.77 2.44 -9.02
N ASN A 49 6.36 1.25 -9.41
CA ASN A 49 7.26 0.35 -10.20
C ASN A 49 6.67 0.21 -11.61
N GLY A 50 6.96 1.15 -12.47
CA GLY A 50 6.40 1.07 -13.85
C GLY A 50 4.99 1.62 -13.86
N ASN A 51 4.04 0.84 -13.41
CA ASN A 51 2.64 1.31 -13.39
C ASN A 51 1.89 0.63 -12.23
N ARG A 52 2.60 -0.02 -11.35
CA ARG A 52 1.95 -0.72 -10.19
C ARG A 52 2.27 0.03 -8.89
N ILE A 53 1.28 0.59 -8.26
CA ILE A 53 1.53 1.30 -6.97
C ILE A 53 1.55 0.27 -5.84
N GLN A 54 2.66 0.14 -5.15
CA GLN A 54 2.75 -0.85 -4.03
C GLN A 54 2.67 -0.14 -2.68
N ILE A 55 2.01 -0.75 -1.74
CA ILE A 55 1.83 -0.16 -0.38
C ILE A 55 2.93 -0.69 0.55
N LYS A 56 3.40 0.13 1.45
CA LYS A 56 4.43 -0.34 2.40
C LYS A 56 3.74 -1.04 3.57
N ARG A 57 4.36 -2.03 4.16
CA ARG A 57 3.74 -2.74 5.30
C ARG A 57 4.38 -2.28 6.60
N LYS A 58 5.40 -1.46 6.52
CA LYS A 58 6.11 -0.99 7.75
C LYS A 58 5.49 0.32 8.24
N GLN A 59 5.63 1.38 7.48
CA GLN A 59 5.07 2.69 7.92
C GLN A 59 3.54 2.61 7.98
N PHE A 60 2.97 1.58 7.39
CA PHE A 60 1.48 1.44 7.41
C PHE A 60 1.08 0.61 8.64
N GLU A 61 1.74 -0.49 8.90
CA GLU A 61 1.37 -1.33 10.09
C GLU A 61 1.30 -0.44 11.34
N LYS A 62 2.14 0.55 11.44
CA LYS A 62 2.14 1.42 12.65
C LYS A 62 0.86 2.25 12.69
N ILE A 63 0.11 2.27 11.63
CA ILE A 63 -1.15 3.09 11.61
C ILE A 63 -2.32 2.30 11.03
N ILE A 64 -2.39 1.01 11.22
CA ILE A 64 -3.55 0.26 10.65
C ILE A 64 -4.79 0.47 11.54
N ASP A 65 -4.60 0.61 12.82
CA ASP A 65 -5.77 0.82 13.75
C ASP A 65 -5.96 2.31 14.06
N THR A 66 -5.07 3.15 13.60
CA THR A 66 -5.21 4.62 13.88
C THR A 66 -6.14 5.26 12.85
N LEU A 67 -6.50 4.53 11.84
CA LEU A 67 -7.38 5.10 10.80
C LEU A 67 -8.81 5.20 11.34
N ILE A 9 4.97 -12.08 -6.20
CA ILE A 9 5.86 -12.69 -5.18
C ILE A 9 5.02 -12.99 -3.92
N PRO A 10 5.26 -14.10 -3.24
CA PRO A 10 4.50 -14.42 -2.01
C PRO A 10 4.41 -13.19 -1.08
N ILE A 11 3.21 -12.68 -0.90
CA ILE A 11 2.99 -11.49 -0.05
C ILE A 11 3.89 -11.48 1.20
N TRP A 12 4.39 -12.62 1.66
CA TRP A 12 5.27 -12.63 2.89
C TRP A 12 6.75 -12.61 2.47
N GLU A 13 7.03 -12.41 1.20
CA GLU A 13 8.45 -12.40 0.72
C GLU A 13 8.76 -11.05 0.06
N ARG A 14 7.76 -10.27 -0.26
CA ARG A 14 8.02 -8.95 -0.91
C ARG A 14 8.42 -7.94 0.17
N TYR A 15 8.55 -6.69 -0.21
CA TYR A 15 8.93 -5.62 0.77
C TYR A 15 7.79 -4.62 0.86
N THR A 16 6.81 -4.74 0.00
CA THR A 16 5.64 -3.81 0.00
C THR A 16 4.41 -4.57 -0.50
N LEU A 17 3.22 -4.05 -0.26
CA LEU A 17 1.97 -4.74 -0.70
C LEU A 17 1.26 -3.92 -1.79
N THR A 18 0.63 -4.60 -2.72
CA THR A 18 -0.10 -3.89 -3.81
C THR A 18 -1.49 -3.51 -3.33
N ILE A 19 -2.30 -3.00 -4.22
CA ILE A 19 -3.67 -2.64 -3.83
C ILE A 19 -4.40 -3.94 -3.47
N GLU A 20 -4.13 -4.99 -4.20
CA GLU A 20 -4.79 -6.29 -3.92
C GLU A 20 -4.23 -6.87 -2.62
N GLU A 21 -2.94 -6.94 -2.46
CA GLU A 21 -2.39 -7.47 -1.19
C GLU A 21 -2.76 -6.51 -0.07
N ALA A 22 -2.78 -5.23 -0.35
CA ALA A 22 -3.15 -4.26 0.70
C ALA A 22 -4.64 -4.42 1.02
N SER A 23 -5.48 -4.45 0.04
CA SER A 23 -6.93 -4.60 0.36
C SER A 23 -7.15 -5.91 1.15
N LYS A 24 -6.37 -6.92 0.91
CA LYS A 24 -6.55 -8.19 1.71
C LYS A 24 -5.86 -8.02 3.07
N TYR A 25 -4.59 -7.71 3.02
CA TYR A 25 -3.77 -7.50 4.25
C TYR A 25 -4.23 -6.23 4.96
N PHE A 26 -4.18 -5.14 4.25
CA PHE A 26 -4.61 -3.81 4.80
C PHE A 26 -6.05 -3.56 4.37
N ARG A 27 -6.98 -4.31 4.91
CA ARG A 27 -8.40 -4.13 4.51
C ARG A 27 -8.81 -2.67 4.64
N ILE A 28 -8.51 -1.90 3.65
CA ILE A 28 -8.85 -0.45 3.64
C ILE A 28 -9.68 -0.17 2.38
N GLY A 29 -10.30 0.98 2.30
CA GLY A 29 -11.11 1.28 1.09
C GLY A 29 -10.22 1.14 -0.15
N GLU A 30 -10.45 0.14 -0.96
CA GLU A 30 -9.62 -0.07 -2.18
C GLU A 30 -9.46 1.27 -2.91
N ASN A 31 -10.54 1.98 -3.10
CA ASN A 31 -10.49 3.28 -3.82
C ASN A 31 -9.65 4.29 -3.04
N LYS A 32 -9.54 4.12 -1.75
CA LYS A 32 -8.73 5.09 -0.95
C LYS A 32 -7.26 4.93 -1.33
N LEU A 33 -6.71 3.77 -1.14
CA LEU A 33 -5.28 3.54 -1.50
C LEU A 33 -5.05 4.04 -2.93
N ARG A 34 -6.00 3.84 -3.80
CA ARG A 34 -5.85 4.31 -5.22
C ARG A 34 -5.93 5.83 -5.26
N ARG A 35 -6.80 6.42 -4.47
CA ARG A 35 -6.94 7.90 -4.48
C ARG A 35 -5.77 8.53 -3.71
N LEU A 36 -5.27 7.87 -2.72
CA LEU A 36 -4.13 8.43 -1.93
C LEU A 36 -2.89 8.54 -2.81
N ALA A 37 -2.59 7.50 -3.54
CA ALA A 37 -1.37 7.53 -4.41
C ALA A 37 -1.58 8.49 -5.58
N GLU A 38 -2.44 8.15 -6.49
CA GLU A 38 -2.68 9.02 -7.69
C GLU A 38 -2.80 10.48 -7.23
N GLU A 39 -3.09 10.72 -5.99
CA GLU A 39 -3.22 12.11 -5.49
C GLU A 39 -1.83 12.63 -5.11
N ASN A 40 -1.13 11.90 -4.28
CA ASN A 40 0.24 12.31 -3.85
C ASN A 40 1.27 11.30 -4.37
N LYS A 41 1.38 11.14 -5.66
CA LYS A 41 2.37 10.17 -6.22
C LYS A 41 3.71 10.34 -5.50
N ASN A 42 3.90 11.44 -4.82
CA ASN A 42 5.18 11.69 -4.10
C ASN A 42 5.03 11.31 -2.63
N ALA A 43 4.00 10.58 -2.30
CA ALA A 43 3.80 10.18 -0.88
C ALA A 43 5.05 9.45 -0.37
N ASN A 44 5.33 9.52 0.89
CA ASN A 44 6.53 8.82 1.44
C ASN A 44 6.21 7.34 1.67
N TRP A 45 4.95 6.99 1.65
CA TRP A 45 4.55 5.56 1.91
C TRP A 45 4.24 4.80 0.62
N LEU A 46 4.05 5.47 -0.49
CA LEU A 46 3.71 4.75 -1.76
C LEU A 46 4.99 4.42 -2.56
N ILE A 47 4.89 3.47 -3.46
CA ILE A 47 6.07 3.07 -4.27
C ILE A 47 5.66 3.04 -5.75
N MET A 48 6.60 3.11 -6.64
CA MET A 48 6.26 3.07 -8.10
C MET A 48 7.23 2.14 -8.83
N ASN A 49 6.77 0.98 -9.21
CA ASN A 49 7.62 0.01 -9.94
C ASN A 49 7.17 -0.02 -11.40
N GLY A 50 7.55 0.97 -12.17
CA GLY A 50 7.11 1.02 -13.58
C GLY A 50 5.70 1.58 -13.63
N ASN A 51 4.74 0.83 -13.18
CA ASN A 51 3.34 1.30 -13.20
C ASN A 51 2.55 0.68 -12.03
N ARG A 52 3.08 -0.33 -11.39
CA ARG A 52 2.35 -0.97 -10.26
C ARG A 52 2.58 -0.19 -8.97
N ILE A 53 1.53 0.27 -8.35
CA ILE A 53 1.68 1.04 -7.08
C ILE A 53 1.75 0.06 -5.90
N GLN A 54 2.81 0.10 -5.13
CA GLN A 54 2.93 -0.83 -3.95
C GLN A 54 2.91 -0.01 -2.65
N ILE A 55 2.30 -0.54 -1.63
CA ILE A 55 2.19 0.18 -0.32
C ILE A 55 3.35 -0.19 0.60
N LYS A 56 3.74 0.71 1.47
CA LYS A 56 4.87 0.42 2.41
C LYS A 56 4.33 -0.38 3.61
N ARG A 57 4.62 -1.65 3.65
CA ARG A 57 4.14 -2.50 4.77
C ARG A 57 4.64 -1.92 6.10
N LYS A 58 5.92 -1.98 6.34
CA LYS A 58 6.49 -1.47 7.63
C LYS A 58 5.76 -0.19 8.09
N GLN A 59 5.89 0.88 7.37
CA GLN A 59 5.23 2.15 7.79
C GLN A 59 3.73 1.92 7.99
N PHE A 60 3.00 1.73 6.92
CA PHE A 60 1.53 1.53 7.03
C PHE A 60 1.20 0.55 8.18
N GLU A 61 1.92 -0.54 8.27
CA GLU A 61 1.64 -1.54 9.36
C GLU A 61 1.53 -0.85 10.72
N LYS A 62 2.28 0.19 10.97
CA LYS A 62 2.20 0.86 12.30
C LYS A 62 0.89 1.63 12.44
N ILE A 63 0.05 1.63 11.43
CA ILE A 63 -1.24 2.37 11.52
C ILE A 63 -2.39 1.50 10.99
N ILE A 64 -2.35 0.20 11.20
CA ILE A 64 -3.47 -0.67 10.71
C ILE A 64 -4.57 -0.71 11.78
N ASP A 65 -4.22 -0.87 13.03
CA ASP A 65 -5.27 -0.96 14.10
C ASP A 65 -5.46 0.40 14.78
N THR A 66 -4.70 1.39 14.41
CA THR A 66 -4.86 2.73 15.03
C THR A 66 -5.96 3.51 14.30
N LEU A 67 -6.33 3.06 13.14
CA LEU A 67 -7.38 3.80 12.39
C LEU A 67 -8.74 3.54 13.03
N ILE A 9 6.47 -12.27 -5.25
CA ILE A 9 7.07 -12.72 -3.97
C ILE A 9 5.93 -12.96 -2.95
N PRO A 10 6.01 -13.97 -2.11
CA PRO A 10 4.94 -14.23 -1.10
C PRO A 10 4.57 -12.97 -0.29
N ILE A 11 3.32 -12.62 -0.30
CA ILE A 11 2.85 -11.41 0.44
C ILE A 11 3.54 -11.29 1.82
N TRP A 12 3.78 -12.40 2.49
CA TRP A 12 4.44 -12.32 3.85
C TRP A 12 5.96 -12.21 3.69
N GLU A 13 6.44 -11.97 2.48
CA GLU A 13 7.92 -11.85 2.26
C GLU A 13 8.22 -10.47 1.67
N ARG A 14 7.26 -9.83 1.07
CA ARG A 14 7.52 -8.47 0.49
C ARG A 14 7.47 -7.43 1.62
N TYR A 15 8.27 -6.40 1.51
CA TYR A 15 8.30 -5.34 2.56
C TYR A 15 7.20 -4.33 2.25
N THR A 16 6.63 -4.42 1.08
CA THR A 16 5.54 -3.48 0.69
C THR A 16 4.45 -4.31 0.02
N LEU A 17 3.19 -3.97 0.22
CA LEU A 17 2.08 -4.78 -0.39
C LEU A 17 1.48 -4.05 -1.59
N THR A 18 1.02 -4.79 -2.56
CA THR A 18 0.41 -4.18 -3.77
C THR A 18 -1.02 -3.77 -3.47
N ILE A 19 -1.72 -3.25 -4.44
CA ILE A 19 -3.12 -2.86 -4.19
C ILE A 19 -3.93 -4.13 -3.93
N GLU A 20 -3.63 -5.18 -4.66
CA GLU A 20 -4.39 -6.45 -4.46
C GLU A 20 -4.00 -7.04 -3.10
N GLU A 21 -2.73 -7.08 -2.79
CA GLU A 21 -2.33 -7.62 -1.47
C GLU A 21 -2.86 -6.66 -0.40
N ALA A 22 -2.94 -5.39 -0.71
CA ALA A 22 -3.45 -4.41 0.28
C ALA A 22 -4.95 -4.63 0.51
N SER A 23 -5.75 -4.63 -0.52
CA SER A 23 -7.21 -4.82 -0.30
C SER A 23 -7.44 -6.09 0.54
N LYS A 24 -6.68 -7.12 0.33
CA LYS A 24 -6.87 -8.35 1.15
C LYS A 24 -6.24 -8.14 2.53
N TYR A 25 -4.98 -7.83 2.54
CA TYR A 25 -4.24 -7.60 3.82
C TYR A 25 -4.70 -6.29 4.48
N PHE A 26 -4.57 -5.18 3.79
CA PHE A 26 -5.00 -3.86 4.32
C PHE A 26 -6.41 -3.57 3.81
N ARG A 27 -7.37 -4.36 4.22
CA ARG A 27 -8.76 -4.16 3.73
C ARG A 27 -9.18 -2.71 3.83
N ILE A 28 -8.88 -1.96 2.81
CA ILE A 28 -9.26 -0.52 2.75
C ILE A 28 -9.87 -0.26 1.37
N GLY A 29 -10.46 0.88 1.16
CA GLY A 29 -11.07 1.15 -0.18
C GLY A 29 -10.04 0.92 -1.28
N GLU A 30 -10.27 -0.02 -2.16
CA GLU A 30 -9.30 -0.27 -3.27
C GLU A 30 -8.98 1.07 -3.96
N ASN A 31 -10.01 1.76 -4.37
CA ASN A 31 -9.83 3.06 -5.07
C ASN A 31 -9.19 4.10 -4.13
N LYS A 32 -9.33 3.92 -2.85
CA LYS A 32 -8.72 4.91 -1.91
C LYS A 32 -7.21 4.81 -2.06
N LEU A 33 -6.68 3.62 -1.92
CA LEU A 33 -5.21 3.43 -2.07
C LEU A 33 -4.72 4.17 -3.33
N ARG A 34 -5.36 3.95 -4.43
CA ARG A 34 -4.92 4.65 -5.68
C ARG A 34 -5.02 6.16 -5.45
N ARG A 35 -6.16 6.64 -5.05
CA ARG A 35 -6.33 8.09 -4.82
C ARG A 35 -5.21 8.59 -3.89
N LEU A 36 -4.83 7.81 -2.93
CA LEU A 36 -3.75 8.23 -2.00
C LEU A 36 -2.42 8.33 -2.77
N ALA A 37 -2.16 7.40 -3.64
CA ALA A 37 -0.89 7.42 -4.41
C ALA A 37 -1.04 8.34 -5.64
N GLU A 38 -1.92 8.00 -6.55
CA GLU A 38 -2.11 8.81 -7.78
C GLU A 38 -2.09 10.31 -7.43
N GLU A 39 -2.44 10.67 -6.23
CA GLU A 39 -2.45 12.12 -5.86
C GLU A 39 -1.05 12.55 -5.42
N ASN A 40 -0.56 11.94 -4.38
CA ASN A 40 0.79 12.31 -3.86
C ASN A 40 1.84 11.31 -4.37
N LYS A 41 2.08 11.29 -5.66
CA LYS A 41 3.09 10.35 -6.22
C LYS A 41 4.36 10.40 -5.36
N ASN A 42 4.53 11.46 -4.61
CA ASN A 42 5.75 11.60 -3.76
C ASN A 42 5.43 11.18 -2.33
N ALA A 43 4.39 10.41 -2.14
CA ALA A 43 4.04 9.96 -0.77
C ALA A 43 5.25 9.28 -0.13
N ASN A 44 5.36 9.33 1.16
CA ASN A 44 6.53 8.69 1.84
C ASN A 44 6.30 7.18 1.97
N TRP A 45 5.06 6.74 1.87
CA TRP A 45 4.75 5.28 2.04
C TRP A 45 4.53 4.57 0.69
N LEU A 46 4.36 5.29 -0.39
CA LEU A 46 4.12 4.61 -1.70
C LEU A 46 5.46 4.33 -2.39
N ILE A 47 5.49 3.34 -3.23
CA ILE A 47 6.75 2.97 -3.94
C ILE A 47 6.41 2.56 -5.37
N MET A 48 6.97 3.24 -6.34
CA MET A 48 6.68 2.89 -7.76
C MET A 48 7.75 1.94 -8.28
N ASN A 49 7.35 0.86 -8.90
CA ASN A 49 8.32 -0.12 -9.46
C ASN A 49 7.91 -0.46 -10.88
N GLY A 50 8.31 0.33 -11.83
CA GLY A 50 7.91 0.07 -13.24
C GLY A 50 6.53 0.65 -13.48
N ASN A 51 5.52 -0.04 -13.05
CA ASN A 51 4.14 0.46 -13.25
C ASN A 51 3.23 -0.07 -12.12
N ARG A 52 3.81 -0.66 -11.11
CA ARG A 52 2.99 -1.22 -9.98
C ARG A 52 3.21 -0.37 -8.72
N ILE A 53 2.19 0.27 -8.24
CA ILE A 53 2.32 1.09 -7.00
C ILE A 53 2.20 0.15 -5.79
N GLN A 54 3.23 0.06 -4.98
CA GLN A 54 3.18 -0.86 -3.79
C GLN A 54 2.98 -0.05 -2.50
N ILE A 55 2.31 -0.62 -1.55
CA ILE A 55 2.03 0.07 -0.25
C ILE A 55 3.11 -0.28 0.76
N LYS A 56 3.37 0.58 1.71
CA LYS A 56 4.41 0.27 2.74
C LYS A 56 3.78 -0.66 3.78
N ARG A 57 4.51 -1.63 4.24
CA ARG A 57 3.95 -2.59 5.24
C ARG A 57 4.45 -2.21 6.64
N LYS A 58 5.43 -1.35 6.73
CA LYS A 58 5.96 -0.95 8.07
C LYS A 58 5.23 0.31 8.56
N GLN A 59 5.41 1.41 7.90
CA GLN A 59 4.73 2.67 8.35
C GLN A 59 3.22 2.50 8.29
N PHE A 60 2.73 1.60 7.47
CA PHE A 60 1.25 1.41 7.37
C PHE A 60 0.79 0.39 8.44
N GLU A 61 1.40 -0.75 8.51
CA GLU A 61 0.96 -1.76 9.53
C GLU A 61 0.88 -1.12 10.91
N LYS A 62 1.66 -0.10 11.18
CA LYS A 62 1.61 0.54 12.53
C LYS A 62 0.31 1.34 12.67
N ILE A 63 -0.47 1.42 11.62
CA ILE A 63 -1.74 2.20 11.69
C ILE A 63 -2.90 1.40 11.08
N ILE A 64 -2.91 0.10 11.18
CA ILE A 64 -4.06 -0.67 10.59
C ILE A 64 -5.21 -0.73 11.60
N ASP A 65 -4.94 -1.07 12.83
CA ASP A 65 -6.05 -1.16 13.85
C ASP A 65 -6.31 0.23 14.46
N THR A 66 -5.54 1.22 14.11
CA THR A 66 -5.73 2.57 14.68
C THR A 66 -6.77 3.34 13.84
N LEU A 67 -7.03 2.89 12.66
CA LEU A 67 -8.00 3.62 11.79
C LEU A 67 -9.42 3.36 12.30
N ILE A 9 3.35 -12.27 -6.58
CA ILE A 9 4.39 -12.68 -5.59
C ILE A 9 3.69 -12.96 -4.24
N PRO A 10 4.01 -14.06 -3.56
CA PRO A 10 3.38 -14.35 -2.24
C PRO A 10 3.56 -13.15 -1.28
N ILE A 11 2.48 -12.57 -0.88
CA ILE A 11 2.52 -11.40 0.04
C ILE A 11 3.65 -11.52 1.09
N TRP A 12 3.84 -12.67 1.68
CA TRP A 12 4.90 -12.83 2.72
C TRP A 12 6.29 -12.85 2.07
N GLU A 13 6.36 -12.74 0.77
CA GLU A 13 7.70 -12.76 0.07
C GLU A 13 7.87 -11.50 -0.78
N ARG A 14 7.56 -10.35 -0.24
CA ARG A 14 7.74 -9.08 -1.01
C ARG A 14 8.04 -7.93 -0.04
N TYR A 15 8.35 -6.78 -0.57
CA TYR A 15 8.70 -5.60 0.30
C TYR A 15 7.53 -4.61 0.35
N THR A 16 6.59 -4.72 -0.55
CA THR A 16 5.42 -3.79 -0.56
C THR A 16 4.14 -4.58 -0.86
N LEU A 17 3.01 -4.06 -0.44
CA LEU A 17 1.71 -4.77 -0.67
C LEU A 17 0.85 -4.03 -1.69
N THR A 18 0.20 -4.75 -2.55
CA THR A 18 -0.68 -4.09 -3.55
C THR A 18 -1.99 -3.71 -2.88
N ILE A 19 -2.79 -2.93 -3.53
CA ILE A 19 -4.07 -2.55 -2.91
C ILE A 19 -4.83 -3.83 -2.57
N GLU A 20 -4.69 -4.84 -3.37
CA GLU A 20 -5.39 -6.12 -3.08
C GLU A 20 -4.74 -6.78 -1.86
N GLU A 21 -3.43 -6.90 -1.84
CA GLU A 21 -2.78 -7.51 -0.66
C GLU A 21 -3.00 -6.56 0.53
N ALA A 22 -2.97 -5.27 0.28
CA ALA A 22 -3.18 -4.28 1.37
C ALA A 22 -4.61 -4.40 1.90
N SER A 23 -5.58 -4.51 1.04
CA SER A 23 -6.98 -4.62 1.53
C SER A 23 -7.08 -5.77 2.53
N LYS A 24 -6.54 -6.91 2.22
CA LYS A 24 -6.63 -8.05 3.19
C LYS A 24 -5.71 -7.78 4.39
N TYR A 25 -4.46 -7.55 4.11
CA TYR A 25 -3.46 -7.27 5.18
C TYR A 25 -3.80 -5.97 5.91
N PHE A 26 -3.84 -4.88 5.18
CA PHE A 26 -4.16 -3.55 5.75
C PHE A 26 -5.65 -3.26 5.59
N ARG A 27 -6.50 -3.99 6.25
CA ARG A 27 -7.98 -3.79 6.12
C ARG A 27 -8.32 -2.30 6.05
N ILE A 28 -8.29 -1.76 4.86
CA ILE A 28 -8.64 -0.32 4.65
C ILE A 28 -9.52 -0.23 3.39
N GLY A 29 -10.10 0.91 3.13
CA GLY A 29 -10.96 1.03 1.91
C GLY A 29 -10.12 0.75 0.65
N GLU A 30 -10.50 -0.21 -0.14
CA GLU A 30 -9.72 -0.51 -1.37
C GLU A 30 -9.56 0.77 -2.19
N ASN A 31 -10.65 1.35 -2.60
CA ASN A 31 -10.57 2.61 -3.42
C ASN A 31 -9.92 3.72 -2.61
N LYS A 32 -9.93 3.62 -1.30
CA LYS A 32 -9.31 4.69 -0.47
C LYS A 32 -7.78 4.60 -0.65
N LEU A 33 -7.31 3.48 -1.10
CA LEU A 33 -5.83 3.30 -1.30
C LEU A 33 -5.44 3.84 -2.68
N ARG A 34 -6.26 3.62 -3.66
CA ARG A 34 -5.92 4.12 -5.03
C ARG A 34 -6.05 5.65 -5.06
N ARG A 35 -6.91 6.20 -4.25
CA ARG A 35 -7.09 7.69 -4.24
C ARG A 35 -6.02 8.33 -3.35
N LEU A 36 -5.73 7.74 -2.22
CA LEU A 36 -4.71 8.32 -1.33
C LEU A 36 -3.36 8.39 -2.05
N ALA A 37 -3.17 7.54 -3.01
CA ALA A 37 -1.87 7.52 -3.77
C ALA A 37 -1.97 8.46 -4.97
N GLU A 38 -2.87 8.18 -5.87
CA GLU A 38 -3.03 9.03 -7.09
C GLU A 38 -2.90 10.52 -6.74
N GLU A 39 -3.31 10.93 -5.57
CA GLU A 39 -3.18 12.36 -5.20
C GLU A 39 -1.78 12.63 -4.69
N ASN A 40 -1.29 11.77 -3.85
CA ASN A 40 0.09 11.94 -3.30
C ASN A 40 1.07 11.08 -4.10
N LYS A 41 1.03 11.19 -5.40
CA LYS A 41 1.96 10.38 -6.26
C LYS A 41 3.38 10.46 -5.68
N ASN A 42 3.68 11.50 -4.94
CA ASN A 42 5.05 11.65 -4.36
C ASN A 42 5.05 11.13 -2.92
N ALA A 43 4.04 10.39 -2.55
CA ALA A 43 3.99 9.85 -1.16
C ALA A 43 5.28 9.06 -0.88
N ASN A 44 5.75 9.09 0.33
CA ASN A 44 6.98 8.32 0.67
C ASN A 44 6.62 6.84 0.86
N TRP A 45 5.35 6.51 0.86
CA TRP A 45 4.93 5.08 1.09
C TRP A 45 4.35 4.46 -0.19
N LEU A 46 3.94 5.24 -1.17
CA LEU A 46 3.35 4.63 -2.40
C LEU A 46 4.46 4.38 -3.44
N ILE A 47 4.21 3.50 -4.38
CA ILE A 47 5.24 3.19 -5.42
C ILE A 47 4.54 3.01 -6.77
N MET A 48 5.15 3.50 -7.82
CA MET A 48 4.54 3.37 -9.18
C MET A 48 5.38 2.37 -10.01
N ASN A 49 4.80 1.23 -10.32
CA ASN A 49 5.54 0.21 -11.13
C ASN A 49 4.88 0.12 -12.51
N GLY A 50 5.13 1.09 -13.36
CA GLY A 50 4.51 1.07 -14.71
C GLY A 50 3.11 1.62 -14.61
N ASN A 51 2.19 0.84 -14.10
CA ASN A 51 0.78 1.31 -13.98
C ASN A 51 0.13 0.65 -12.76
N ARG A 52 0.92 0.04 -11.92
CA ARG A 52 0.37 -0.65 -10.70
C ARG A 52 0.88 0.04 -9.44
N ILE A 53 -0.01 0.58 -8.64
CA ILE A 53 0.41 1.26 -7.39
C ILE A 53 0.59 0.20 -6.30
N GLN A 54 1.61 0.33 -5.47
CA GLN A 54 1.84 -0.69 -4.38
C GLN A 54 2.01 0.03 -3.03
N ILE A 55 1.51 -0.59 -1.98
CA ILE A 55 1.60 0.00 -0.62
C ILE A 55 2.83 -0.57 0.10
N LYS A 56 3.51 0.23 0.87
CA LYS A 56 4.69 -0.28 1.62
C LYS A 56 4.21 -0.90 2.93
N ARG A 57 4.86 -1.94 3.38
CA ARG A 57 4.44 -2.60 4.66
C ARG A 57 5.36 -2.13 5.80
N LYS A 58 6.64 -2.12 5.55
CA LYS A 58 7.61 -1.71 6.61
C LYS A 58 7.11 -0.49 7.39
N GLN A 59 7.01 0.65 6.77
CA GLN A 59 6.54 1.86 7.51
C GLN A 59 5.05 1.74 7.82
N PHE A 60 4.24 1.62 6.81
CA PHE A 60 2.77 1.50 7.04
C PHE A 60 2.50 0.49 8.18
N GLU A 61 3.07 -0.68 8.11
CA GLU A 61 2.85 -1.69 9.19
C GLU A 61 3.15 -1.08 10.56
N LYS A 62 4.14 -0.24 10.66
CA LYS A 62 4.48 0.36 11.98
C LYS A 62 3.40 1.38 12.38
N ILE A 63 2.44 1.63 11.53
CA ILE A 63 1.37 2.62 11.88
C ILE A 63 -0.02 2.06 11.57
N ILE A 64 -0.23 0.78 11.72
CA ILE A 64 -1.59 0.22 11.42
C ILE A 64 -2.48 0.33 12.66
N ASP A 65 -2.01 -0.11 13.80
CA ASP A 65 -2.84 -0.03 15.04
C ASP A 65 -2.76 1.38 15.63
N THR A 66 -1.97 2.23 15.05
CA THR A 66 -1.83 3.62 15.58
C THR A 66 -2.91 4.52 14.95
N LEU A 67 -3.50 4.08 13.88
CA LEU A 67 -4.53 4.92 13.22
C LEU A 67 -5.83 4.88 14.06
N ILE A 9 3.79 -11.67 -7.42
CA ILE A 9 4.78 -12.22 -6.44
C ILE A 9 4.02 -12.71 -5.20
N PRO A 10 4.38 -13.84 -4.63
CA PRO A 10 3.69 -14.35 -3.43
C PRO A 10 3.57 -13.25 -2.35
N ILE A 11 2.37 -12.86 -2.05
CA ILE A 11 2.10 -11.79 -1.05
C ILE A 11 2.89 -12.01 0.27
N TRP A 12 3.46 -13.17 0.49
CA TRP A 12 4.22 -13.42 1.78
C TRP A 12 5.74 -13.29 1.55
N GLU A 13 6.17 -13.18 0.31
CA GLU A 13 7.65 -13.05 0.02
C GLU A 13 7.94 -11.66 -0.56
N ARG A 14 6.93 -10.88 -0.78
CA ARG A 14 7.17 -9.52 -1.35
C ARG A 14 7.66 -8.57 -0.24
N TYR A 15 7.81 -7.30 -0.56
CA TYR A 15 8.29 -6.31 0.46
C TYR A 15 7.23 -5.21 0.58
N THR A 16 6.33 -5.14 -0.36
CA THR A 16 5.25 -4.11 -0.32
C THR A 16 3.98 -4.73 -0.94
N LEU A 17 2.82 -4.20 -0.62
CA LEU A 17 1.54 -4.77 -1.18
C LEU A 17 0.88 -3.80 -2.15
N THR A 18 0.24 -4.33 -3.17
CA THR A 18 -0.44 -3.47 -4.16
C THR A 18 -1.82 -3.10 -3.65
N ILE A 19 -2.60 -2.45 -4.46
CA ILE A 19 -3.96 -2.09 -4.04
C ILE A 19 -4.75 -3.37 -3.83
N GLU A 20 -4.54 -4.35 -4.67
CA GLU A 20 -5.28 -5.63 -4.53
C GLU A 20 -4.77 -6.37 -3.29
N GLU A 21 -3.48 -6.55 -3.15
CA GLU A 21 -2.97 -7.24 -1.94
C GLU A 21 -3.30 -6.37 -0.73
N ALA A 22 -3.30 -5.07 -0.89
CA ALA A 22 -3.64 -4.17 0.25
C ALA A 22 -5.11 -4.37 0.62
N SER A 23 -6.00 -4.22 -0.32
CA SER A 23 -7.44 -4.39 0.01
C SER A 23 -7.65 -5.73 0.72
N LYS A 24 -6.99 -6.77 0.27
CA LYS A 24 -7.15 -8.10 0.93
C LYS A 24 -6.40 -8.09 2.27
N TYR A 25 -5.12 -7.89 2.21
CA TYR A 25 -4.27 -7.87 3.44
C TYR A 25 -4.63 -6.65 4.33
N PHE A 26 -4.52 -5.48 3.77
CA PHE A 26 -4.83 -4.22 4.50
C PHE A 26 -6.28 -3.85 4.25
N ARG A 27 -7.21 -4.61 4.75
CA ARG A 27 -8.66 -4.30 4.52
C ARG A 27 -8.92 -2.79 4.63
N ILE A 28 -8.74 -2.09 3.53
CA ILE A 28 -8.96 -0.62 3.51
C ILE A 28 -9.75 -0.30 2.22
N GLY A 29 -10.34 0.87 2.13
CA GLY A 29 -11.10 1.22 0.90
C GLY A 29 -10.15 1.20 -0.30
N GLU A 30 -10.46 0.41 -1.30
CA GLU A 30 -9.58 0.33 -2.49
C GLU A 30 -9.27 1.75 -3.00
N ASN A 31 -10.29 2.49 -3.36
CA ASN A 31 -10.08 3.87 -3.88
C ASN A 31 -9.43 4.74 -2.81
N LYS A 32 -9.53 4.36 -1.57
CA LYS A 32 -8.91 5.17 -0.49
C LYS A 32 -7.40 5.15 -0.66
N LEU A 33 -6.87 4.04 -1.10
CA LEU A 33 -5.39 3.92 -1.31
C LEU A 33 -4.99 4.71 -2.56
N ARG A 34 -5.58 4.42 -3.67
CA ARG A 34 -5.23 5.13 -4.93
C ARG A 34 -5.16 6.64 -4.68
N ARG A 35 -6.16 7.19 -4.04
CA ARG A 35 -6.16 8.65 -3.77
C ARG A 35 -5.05 9.02 -2.79
N LEU A 36 -4.81 8.19 -1.80
CA LEU A 36 -3.75 8.51 -0.80
C LEU A 36 -2.39 8.60 -1.51
N ALA A 37 -2.18 7.78 -2.50
CA ALA A 37 -0.87 7.80 -3.23
C ALA A 37 -0.90 8.87 -4.31
N GLU A 38 -1.71 8.68 -5.32
CA GLU A 38 -1.79 9.68 -6.43
C GLU A 38 -1.82 11.11 -5.87
N GLU A 39 -2.38 11.30 -4.70
CA GLU A 39 -2.44 12.68 -4.12
C GLU A 39 -1.12 13.00 -3.41
N ASN A 40 -0.38 11.98 -3.04
CA ASN A 40 0.94 12.19 -2.35
C ASN A 40 2.01 11.41 -3.10
N LYS A 41 2.17 11.67 -4.36
CA LYS A 41 3.19 10.95 -5.17
C LYS A 41 4.51 10.86 -4.39
N ASN A 42 4.78 11.83 -3.56
CA ASN A 42 6.04 11.82 -2.77
C ASN A 42 5.77 11.27 -1.37
N ALA A 43 4.73 10.51 -1.21
CA ALA A 43 4.42 9.94 0.12
C ALA A 43 5.65 9.18 0.64
N ASN A 44 5.91 9.23 1.91
CA ASN A 44 7.09 8.50 2.46
C ASN A 44 6.76 7.01 2.57
N TRP A 45 5.55 6.61 2.21
CA TRP A 45 5.15 5.17 2.32
C TRP A 45 4.73 4.58 0.97
N LEU A 46 4.53 5.39 -0.04
CA LEU A 46 4.10 4.84 -1.36
C LEU A 46 5.32 4.53 -2.24
N ILE A 47 5.15 3.65 -3.19
CA ILE A 47 6.27 3.27 -4.10
C ILE A 47 5.68 3.09 -5.50
N MET A 48 6.48 3.29 -6.51
CA MET A 48 6.00 3.12 -7.92
C MET A 48 6.96 2.21 -8.68
N ASN A 49 6.60 0.96 -8.81
CA ASN A 49 7.48 0.01 -9.55
C ASN A 49 7.12 0.06 -11.04
N GLY A 50 7.68 0.99 -11.76
CA GLY A 50 7.36 1.11 -13.21
C GLY A 50 6.04 1.87 -13.35
N ASN A 51 4.96 1.24 -13.01
CA ASN A 51 3.63 1.92 -13.13
C ASN A 51 2.67 1.42 -12.05
N ARG A 52 3.04 0.39 -11.32
CA ARG A 52 2.14 -0.15 -10.25
C ARG A 52 2.46 0.50 -8.91
N ILE A 53 1.46 1.00 -8.23
CA ILE A 53 1.70 1.65 -6.90
C ILE A 53 1.67 0.57 -5.81
N GLN A 54 2.76 0.38 -5.09
CA GLN A 54 2.78 -0.66 -4.00
C GLN A 54 2.83 0.03 -2.63
N ILE A 55 2.16 -0.54 -1.66
CA ILE A 55 2.11 0.07 -0.29
C ILE A 55 3.25 -0.45 0.58
N LYS A 56 3.72 0.35 1.51
CA LYS A 56 4.83 -0.10 2.41
C LYS A 56 4.25 -0.95 3.55
N ARG A 57 4.27 -2.24 3.39
CA ARG A 57 3.75 -3.16 4.43
C ARG A 57 4.30 -2.78 5.81
N LYS A 58 5.58 -2.94 6.01
CA LYS A 58 6.17 -2.63 7.35
C LYS A 58 5.63 -1.31 7.93
N GLN A 59 5.94 -0.20 7.31
CA GLN A 59 5.46 1.10 7.85
C GLN A 59 3.94 1.09 8.04
N PHE A 60 3.20 0.71 7.04
CA PHE A 60 1.72 0.71 7.17
C PHE A 60 1.27 -0.25 8.29
N GLU A 61 1.83 -1.42 8.33
CA GLU A 61 1.44 -2.41 9.39
C GLU A 61 1.49 -1.77 10.77
N LYS A 62 2.34 -0.81 10.99
CA LYS A 62 2.42 -0.17 12.33
C LYS A 62 1.18 0.65 12.59
N ILE A 63 0.33 0.83 11.62
CA ILE A 63 -0.90 1.65 11.82
C ILE A 63 -2.15 0.96 11.26
N ILE A 64 -2.24 -0.34 11.30
CA ILE A 64 -3.45 -1.00 10.76
C ILE A 64 -4.60 -0.83 11.77
N ASP A 65 -4.31 -0.78 13.04
CA ASP A 65 -5.38 -0.63 14.07
C ASP A 65 -5.52 0.85 14.48
N THR A 66 -4.67 1.70 13.98
CA THR A 66 -4.73 3.15 14.35
C THR A 66 -5.70 3.87 13.42
N LEU A 67 -6.11 3.22 12.36
CA LEU A 67 -7.02 3.90 11.42
C LEU A 67 -8.43 3.94 12.03
N ILE A 9 6.23 -12.18 -5.21
CA ILE A 9 6.85 -12.71 -3.96
C ILE A 9 5.72 -12.99 -2.93
N PRO A 10 5.81 -14.05 -2.16
CA PRO A 10 4.76 -14.34 -1.14
C PRO A 10 4.49 -13.10 -0.26
N ILE A 11 3.29 -12.62 -0.28
CA ILE A 11 2.91 -11.42 0.52
C ILE A 11 3.63 -11.41 1.89
N TRP A 12 3.76 -12.55 2.54
CA TRP A 12 4.42 -12.58 3.89
C TRP A 12 5.95 -12.55 3.73
N GLU A 13 6.44 -12.21 2.56
CA GLU A 13 7.93 -12.17 2.35
C GLU A 13 8.33 -10.79 1.79
N ARG A 14 7.43 -10.09 1.16
CA ARG A 14 7.78 -8.75 0.62
C ARG A 14 7.71 -7.71 1.74
N TYR A 15 8.36 -6.59 1.56
CA TYR A 15 8.36 -5.53 2.61
C TYR A 15 7.26 -4.51 2.27
N THR A 16 6.65 -4.66 1.13
CA THR A 16 5.56 -3.72 0.73
C THR A 16 4.44 -4.52 0.06
N LEU A 17 3.22 -4.08 0.19
CA LEU A 17 2.06 -4.84 -0.42
C LEU A 17 1.51 -4.10 -1.63
N THR A 18 0.98 -4.83 -2.57
CA THR A 18 0.40 -4.22 -3.78
C THR A 18 -1.02 -3.76 -3.46
N ILE A 19 -1.75 -3.35 -4.43
CA ILE A 19 -3.14 -2.92 -4.17
C ILE A 19 -3.98 -4.17 -3.87
N GLU A 20 -3.73 -5.23 -4.59
CA GLU A 20 -4.50 -6.49 -4.35
C GLU A 20 -4.11 -7.05 -2.98
N GLU A 21 -2.83 -7.11 -2.69
CA GLU A 21 -2.41 -7.63 -1.37
C GLU A 21 -2.92 -6.67 -0.31
N ALA A 22 -2.95 -5.40 -0.62
CA ALA A 22 -3.45 -4.40 0.36
C ALA A 22 -4.94 -4.60 0.57
N SER A 23 -5.72 -4.64 -0.47
CA SER A 23 -7.18 -4.84 -0.29
C SER A 23 -7.42 -6.05 0.63
N LYS A 24 -6.68 -7.11 0.44
CA LYS A 24 -6.86 -8.30 1.31
C LYS A 24 -6.24 -8.03 2.69
N TYR A 25 -4.97 -7.77 2.70
CA TYR A 25 -4.24 -7.50 3.98
C TYR A 25 -4.77 -6.22 4.65
N PHE A 26 -4.71 -5.13 3.93
CA PHE A 26 -5.20 -3.82 4.46
C PHE A 26 -6.64 -3.60 4.00
N ARG A 27 -7.56 -4.38 4.49
CA ARG A 27 -9.00 -4.24 4.08
C ARG A 27 -9.39 -2.76 3.99
N ILE A 28 -9.14 -2.14 2.86
CA ILE A 28 -9.51 -0.71 2.66
C ILE A 28 -10.09 -0.57 1.25
N GLY A 29 -10.71 0.54 0.94
CA GLY A 29 -11.28 0.72 -0.43
C GLY A 29 -10.17 0.57 -1.47
N GLU A 30 -10.34 -0.35 -2.40
CA GLU A 30 -9.31 -0.55 -3.45
C GLU A 30 -8.93 0.78 -4.11
N ASN A 31 -9.88 1.41 -4.76
CA ASN A 31 -9.59 2.70 -5.45
C ASN A 31 -9.16 3.75 -4.44
N LYS A 32 -9.43 3.53 -3.18
CA LYS A 32 -9.02 4.51 -2.14
C LYS A 32 -7.49 4.51 -2.06
N LEU A 33 -6.91 3.36 -2.23
CA LEU A 33 -5.42 3.24 -2.19
C LEU A 33 -4.83 3.91 -3.42
N ARG A 34 -5.22 3.47 -4.59
CA ARG A 34 -4.68 4.07 -5.85
C ARG A 34 -4.89 5.58 -5.82
N ARG A 35 -6.03 6.04 -5.37
CA ARG A 35 -6.29 7.50 -5.33
C ARG A 35 -5.27 8.19 -4.44
N LEU A 36 -4.89 7.57 -3.35
CA LEU A 36 -3.89 8.19 -2.44
C LEU A 36 -2.55 8.33 -3.16
N ALA A 37 -2.15 7.33 -3.88
CA ALA A 37 -0.85 7.39 -4.61
C ALA A 37 -0.94 8.42 -5.73
N GLU A 38 -1.70 8.13 -6.75
CA GLU A 38 -1.83 9.08 -7.89
C GLU A 38 -2.10 10.50 -7.35
N GLU A 39 -2.46 10.62 -6.10
CA GLU A 39 -2.73 11.96 -5.52
C GLU A 39 -1.42 12.57 -5.03
N ASN A 40 -0.53 11.77 -4.50
CA ASN A 40 0.76 12.30 -3.99
C ASN A 40 1.91 11.37 -4.42
N LYS A 41 2.20 11.32 -5.69
CA LYS A 41 3.30 10.44 -6.16
C LYS A 41 4.54 10.66 -5.28
N ASN A 42 4.55 11.71 -4.51
CA ASN A 42 5.72 12.01 -3.63
C ASN A 42 5.41 11.51 -2.21
N ALA A 43 4.39 10.73 -2.07
CA ALA A 43 4.01 10.21 -0.72
C ALA A 43 5.23 9.51 -0.09
N ASN A 44 5.37 9.60 1.20
CA ASN A 44 6.52 8.92 1.87
C ASN A 44 6.17 7.44 2.08
N TRP A 45 4.92 7.09 1.96
CA TRP A 45 4.49 5.66 2.19
C TRP A 45 4.26 4.91 0.87
N LEU A 46 4.16 5.59 -0.25
CA LEU A 46 3.90 4.87 -1.54
C LEU A 46 5.22 4.53 -2.23
N ILE A 47 5.19 3.59 -3.12
CA ILE A 47 6.42 3.18 -3.86
C ILE A 47 6.02 2.82 -5.30
N MET A 48 6.96 2.91 -6.22
CA MET A 48 6.64 2.59 -7.64
C MET A 48 7.73 1.66 -8.20
N ASN A 49 7.42 0.40 -8.33
CA ASN A 49 8.41 -0.56 -8.87
C ASN A 49 8.26 -0.63 -10.39
N GLY A 50 8.85 0.30 -11.09
CA GLY A 50 8.73 0.31 -12.57
C GLY A 50 7.37 0.87 -12.95
N ASN A 51 6.32 0.19 -12.57
CA ASN A 51 4.95 0.67 -12.91
C ASN A 51 3.96 0.21 -11.82
N ARG A 52 4.26 -0.85 -11.12
CA ARG A 52 3.32 -1.33 -10.07
C ARG A 52 3.48 -0.49 -8.79
N ILE A 53 2.41 0.06 -8.31
CA ILE A 53 2.47 0.88 -7.06
C ILE A 53 2.36 -0.05 -5.85
N GLN A 54 3.38 -0.11 -5.02
CA GLN A 54 3.34 -1.01 -3.81
C GLN A 54 3.16 -0.15 -2.55
N ILE A 55 2.50 -0.68 -1.56
CA ILE A 55 2.25 0.08 -0.30
C ILE A 55 3.34 -0.23 0.74
N LYS A 56 3.66 0.70 1.60
CA LYS A 56 4.71 0.44 2.64
C LYS A 56 4.08 -0.31 3.82
N ARG A 57 4.37 -1.57 3.94
CA ARG A 57 3.81 -2.37 5.07
C ARG A 57 4.24 -1.74 6.40
N LYS A 58 5.47 -1.35 6.51
CA LYS A 58 5.95 -0.76 7.81
C LYS A 58 5.16 0.51 8.13
N GLN A 59 5.31 1.53 7.31
CA GLN A 59 4.61 2.82 7.59
C GLN A 59 3.09 2.62 7.65
N PHE A 60 2.54 1.76 6.84
CA PHE A 60 1.06 1.57 6.86
C PHE A 60 0.63 0.64 8.02
N GLU A 61 1.27 -0.48 8.17
CA GLU A 61 0.87 -1.43 9.27
C GLU A 61 0.73 -0.67 10.60
N LYS A 62 1.51 0.35 10.82
CA LYS A 62 1.41 1.10 12.11
C LYS A 62 0.13 1.90 12.18
N ILE A 63 -0.67 1.89 11.14
CA ILE A 63 -1.94 2.69 11.16
C ILE A 63 -3.12 1.85 10.65
N ILE A 64 -3.14 0.57 10.91
CA ILE A 64 -4.29 -0.26 10.42
C ILE A 64 -5.45 -0.20 11.43
N ASP A 65 -5.21 -0.50 12.68
CA ASP A 65 -6.33 -0.46 13.68
C ASP A 65 -6.57 0.98 14.14
N THR A 66 -5.79 1.91 13.67
CA THR A 66 -5.96 3.34 14.08
C THR A 66 -7.00 4.01 13.17
N LEU A 67 -7.26 3.44 12.03
CA LEU A 67 -8.23 4.07 11.10
C LEU A 67 -9.66 3.85 11.63
N ILE A 9 4.18 -12.61 -5.89
CA ILE A 9 4.95 -13.06 -4.71
C ILE A 9 3.98 -13.31 -3.53
N PRO A 10 4.11 -14.42 -2.81
CA PRO A 10 3.20 -14.67 -1.66
C PRO A 10 3.16 -13.46 -0.72
N ILE A 11 2.02 -12.86 -0.58
CA ILE A 11 1.86 -11.68 0.28
C ILE A 11 2.72 -11.76 1.57
N TRP A 12 2.95 -12.93 2.09
CA TRP A 12 3.77 -13.05 3.36
C TRP A 12 5.27 -13.12 3.02
N GLU A 13 5.62 -13.07 1.76
CA GLU A 13 7.07 -13.14 1.36
C GLU A 13 7.44 -11.89 0.56
N ARG A 14 7.09 -10.73 1.04
CA ARG A 14 7.45 -9.47 0.29
C ARG A 14 7.61 -8.32 1.29
N TYR A 15 8.09 -7.19 0.82
CA TYR A 15 8.31 -6.01 1.72
C TYR A 15 7.18 -4.99 1.55
N THR A 16 6.43 -5.07 0.48
CA THR A 16 5.31 -4.11 0.25
C THR A 16 4.08 -4.87 -0.27
N LEU A 17 2.90 -4.37 -0.01
CA LEU A 17 1.65 -5.06 -0.47
C LEU A 17 1.02 -4.30 -1.64
N THR A 18 0.49 -5.02 -2.58
CA THR A 18 -0.15 -4.37 -3.76
C THR A 18 -1.53 -3.86 -3.35
N ILE A 19 -2.23 -3.24 -4.25
CA ILE A 19 -3.58 -2.76 -3.91
C ILE A 19 -4.46 -3.98 -3.61
N GLU A 20 -4.27 -5.05 -4.35
CA GLU A 20 -5.06 -6.27 -4.10
C GLU A 20 -4.63 -6.89 -2.77
N GLU A 21 -3.34 -6.99 -2.55
CA GLU A 21 -2.87 -7.56 -1.27
C GLU A 21 -3.29 -6.59 -0.15
N ALA A 22 -3.29 -5.32 -0.45
CA ALA A 22 -3.68 -4.31 0.57
C ALA A 22 -5.18 -4.43 0.90
N SER A 23 -6.04 -4.27 -0.06
CA SER A 23 -7.49 -4.38 0.26
C SER A 23 -7.76 -5.67 1.06
N LYS A 24 -6.99 -6.70 0.84
CA LYS A 24 -7.22 -7.96 1.63
C LYS A 24 -6.58 -7.77 3.02
N TYR A 25 -5.32 -7.44 3.03
CA TYR A 25 -4.55 -7.23 4.29
C TYR A 25 -4.96 -5.91 4.95
N PHE A 26 -4.76 -4.83 4.24
CA PHE A 26 -5.12 -3.48 4.75
C PHE A 26 -6.53 -3.16 4.25
N ARG A 27 -7.50 -3.89 4.71
CA ARG A 27 -8.89 -3.67 4.23
C ARG A 27 -9.25 -2.20 4.32
N ILE A 28 -8.94 -1.48 3.28
CA ILE A 28 -9.23 -0.02 3.23
C ILE A 28 -9.82 0.27 1.84
N GLY A 29 -10.55 1.34 1.69
CA GLY A 29 -11.16 1.66 0.37
C GLY A 29 -10.09 1.55 -0.74
N GLU A 30 -10.26 0.63 -1.64
CA GLU A 30 -9.28 0.47 -2.75
C GLU A 30 -9.03 1.83 -3.40
N ASN A 31 -10.06 2.58 -3.63
CA ASN A 31 -9.91 3.91 -4.30
C ASN A 31 -9.04 4.85 -3.46
N LYS A 32 -9.03 4.70 -2.17
CA LYS A 32 -8.19 5.60 -1.34
C LYS A 32 -6.74 5.30 -1.65
N LEU A 33 -6.32 4.08 -1.39
CA LEU A 33 -4.91 3.67 -1.67
C LEU A 33 -4.42 4.30 -2.98
N ARG A 34 -5.21 4.23 -4.01
CA ARG A 34 -4.79 4.83 -5.31
C ARG A 34 -4.70 6.35 -5.15
N ARG A 35 -5.72 6.95 -4.60
CA ARG A 35 -5.71 8.44 -4.43
C ARG A 35 -4.58 8.85 -3.49
N LEU A 36 -4.25 8.02 -2.53
CA LEU A 36 -3.17 8.39 -1.57
C LEU A 36 -1.83 8.44 -2.31
N ALA A 37 -1.57 7.46 -3.15
CA ALA A 37 -0.27 7.44 -3.88
C ALA A 37 -0.37 8.32 -5.14
N GLU A 38 -1.31 8.03 -6.00
CA GLU A 38 -1.45 8.84 -7.25
C GLU A 38 -1.40 10.34 -6.91
N GLU A 39 -1.72 10.70 -5.69
CA GLU A 39 -1.69 12.13 -5.31
C GLU A 39 -0.27 12.52 -4.89
N ASN A 40 0.28 11.82 -3.94
CA ASN A 40 1.67 12.13 -3.46
C ASN A 40 2.65 11.11 -4.02
N LYS A 41 2.85 11.10 -5.30
CA LYS A 41 3.81 10.13 -5.91
C LYS A 41 5.12 10.13 -5.09
N ASN A 42 5.33 11.17 -4.32
CA ASN A 42 6.58 11.26 -3.50
C ASN A 42 6.28 10.78 -2.08
N ALA A 43 5.19 10.08 -1.90
CA ALA A 43 4.84 9.58 -0.55
C ALA A 43 6.02 8.79 0.02
N ASN A 44 6.27 8.91 1.30
CA ASN A 44 7.41 8.16 1.91
C ASN A 44 7.01 6.69 2.15
N TRP A 45 5.80 6.32 1.81
CA TRP A 45 5.32 4.91 2.05
C TRP A 45 4.91 4.23 0.74
N LEU A 46 4.76 4.95 -0.33
CA LEU A 46 4.32 4.30 -1.62
C LEU A 46 5.54 3.86 -2.43
N ILE A 47 5.34 3.02 -3.40
CA ILE A 47 6.47 2.53 -4.25
C ILE A 47 6.02 2.58 -5.71
N MET A 48 6.94 2.55 -6.63
CA MET A 48 6.56 2.61 -8.08
C MET A 48 7.43 1.63 -8.88
N ASN A 49 6.80 0.77 -9.64
CA ASN A 49 7.54 -0.22 -10.47
C ASN A 49 6.91 -0.24 -11.86
N GLY A 50 7.19 0.75 -12.67
CA GLY A 50 6.58 0.80 -14.02
C GLY A 50 5.20 1.43 -13.90
N ASN A 51 4.25 0.68 -13.42
CA ASN A 51 2.87 1.22 -13.28
C ASN A 51 2.16 0.55 -12.09
N ARG A 52 2.79 -0.41 -11.46
CA ARG A 52 2.15 -1.10 -10.30
C ARG A 52 2.49 -0.37 -9.00
N ILE A 53 1.49 0.11 -8.30
CA ILE A 53 1.77 0.82 -7.02
C ILE A 53 1.89 -0.21 -5.89
N GLN A 54 2.98 -0.18 -5.15
CA GLN A 54 3.17 -1.18 -4.03
C GLN A 54 2.98 -0.46 -2.68
N ILE A 55 2.26 -1.06 -1.77
CA ILE A 55 2.02 -0.44 -0.42
C ILE A 55 3.05 -0.95 0.57
N LYS A 56 3.56 -0.11 1.44
CA LYS A 56 4.54 -0.59 2.46
C LYS A 56 3.79 -1.22 3.62
N ARG A 57 4.32 -2.27 4.20
CA ARG A 57 3.64 -2.94 5.34
C ARG A 57 4.31 -2.49 6.65
N LYS A 58 5.36 -1.71 6.58
CA LYS A 58 6.04 -1.26 7.83
C LYS A 58 5.47 0.10 8.26
N GLN A 59 5.70 1.12 7.48
CA GLN A 59 5.19 2.47 7.85
C GLN A 59 3.66 2.45 7.87
N PHE A 60 3.06 1.44 7.29
CA PHE A 60 1.56 1.36 7.27
C PHE A 60 1.08 0.50 8.45
N GLU A 61 1.47 -0.75 8.49
CA GLU A 61 1.00 -1.66 9.60
C GLU A 61 1.05 -0.92 10.94
N LYS A 62 1.93 0.01 11.11
CA LYS A 62 2.00 0.74 12.41
C LYS A 62 0.79 1.64 12.56
N ILE A 63 0.38 2.28 11.49
CA ILE A 63 -0.79 3.20 11.58
C ILE A 63 -2.06 2.49 11.11
N ILE A 64 -2.21 1.21 11.33
CA ILE A 64 -3.45 0.54 10.87
C ILE A 64 -4.59 0.79 11.88
N ASP A 65 -4.29 0.74 13.15
CA ASP A 65 -5.37 0.97 14.18
C ASP A 65 -5.46 2.46 14.52
N THR A 66 -4.61 3.27 13.97
CA THR A 66 -4.63 4.73 14.27
C THR A 66 -5.63 5.41 13.32
N LEU A 67 -6.04 4.73 12.30
CA LEU A 67 -6.98 5.35 11.34
C LEU A 67 -8.39 5.39 11.97
N ILE A 9 4.70 -11.59 -7.55
CA ILE A 9 5.47 -12.36 -6.55
C ILE A 9 4.53 -12.71 -5.37
N PRO A 10 4.65 -13.88 -4.77
CA PRO A 10 3.78 -14.25 -3.62
C PRO A 10 3.80 -13.16 -2.53
N ILE A 11 2.66 -12.62 -2.23
CA ILE A 11 2.55 -11.55 -1.21
C ILE A 11 3.47 -11.83 0.02
N TRP A 12 3.60 -13.06 0.43
CA TRP A 12 4.46 -13.37 1.63
C TRP A 12 5.94 -13.36 1.22
N GLU A 13 6.23 -13.10 -0.04
CA GLU A 13 7.65 -13.07 -0.51
C GLU A 13 7.96 -11.71 -1.14
N ARG A 14 7.61 -10.63 -0.48
CA ARG A 14 7.90 -9.29 -1.06
C ARG A 14 8.12 -8.28 0.07
N TYR A 15 8.29 -7.04 -0.27
CA TYR A 15 8.55 -5.97 0.75
C TYR A 15 7.42 -4.95 0.72
N THR A 16 6.60 -4.98 -0.30
CA THR A 16 5.47 -4.01 -0.40
C THR A 16 4.25 -4.73 -0.96
N LEU A 17 3.07 -4.25 -0.62
CA LEU A 17 1.82 -4.90 -1.11
C LEU A 17 1.14 -4.03 -2.17
N THR A 18 0.52 -4.67 -3.11
CA THR A 18 -0.18 -3.92 -4.19
C THR A 18 -1.54 -3.49 -3.66
N ILE A 19 -2.38 -2.99 -4.51
CA ILE A 19 -3.72 -2.57 -4.04
C ILE A 19 -4.54 -3.84 -3.76
N GLU A 20 -4.38 -4.84 -4.58
CA GLU A 20 -5.14 -6.10 -4.36
C GLU A 20 -4.61 -6.78 -3.10
N GLU A 21 -3.30 -6.88 -2.97
CA GLU A 21 -2.73 -7.50 -1.76
C GLU A 21 -3.08 -6.62 -0.57
N ALA A 22 -3.00 -5.33 -0.74
CA ALA A 22 -3.34 -4.40 0.38
C ALA A 22 -4.81 -4.56 0.75
N SER A 23 -5.69 -4.51 -0.21
CA SER A 23 -7.13 -4.66 0.13
C SER A 23 -7.34 -5.96 0.94
N LYS A 24 -6.72 -7.03 0.53
CA LYS A 24 -6.89 -8.31 1.29
C LYS A 24 -6.12 -8.23 2.61
N TYR A 25 -4.85 -8.00 2.52
CA TYR A 25 -3.97 -7.91 3.73
C TYR A 25 -4.40 -6.70 4.58
N PHE A 26 -4.38 -5.54 4.00
CA PHE A 26 -4.76 -4.29 4.70
C PHE A 26 -6.23 -3.97 4.44
N ARG A 27 -7.14 -4.78 4.95
CA ARG A 27 -8.59 -4.53 4.72
C ARG A 27 -8.91 -3.05 4.85
N ILE A 28 -8.78 -2.31 3.79
CA ILE A 28 -9.08 -0.85 3.82
C ILE A 28 -9.82 -0.49 2.52
N GLY A 29 -10.34 0.70 2.43
CA GLY A 29 -11.09 1.10 1.19
C GLY A 29 -10.17 1.02 -0.02
N GLU A 30 -10.47 0.13 -0.94
CA GLU A 30 -9.61 0.01 -2.16
C GLU A 30 -9.41 1.40 -2.78
N ASN A 31 -10.48 2.13 -2.93
CA ASN A 31 -10.40 3.50 -3.52
C ASN A 31 -9.56 4.42 -2.63
N LYS A 32 -9.51 4.16 -1.36
CA LYS A 32 -8.71 5.03 -0.46
C LYS A 32 -7.23 4.88 -0.83
N LEU A 33 -6.72 3.70 -0.71
CA LEU A 33 -5.28 3.44 -1.05
C LEU A 33 -4.92 4.17 -2.34
N ARG A 34 -5.72 4.02 -3.36
CA ARG A 34 -5.42 4.70 -4.66
C ARG A 34 -5.55 6.22 -4.50
N ARG A 35 -6.29 6.67 -3.54
CA ARG A 35 -6.45 8.15 -3.35
C ARG A 35 -5.31 8.71 -2.51
N LEU A 36 -4.87 8.00 -1.51
CA LEU A 36 -3.75 8.52 -0.66
C LEU A 36 -2.49 8.64 -1.51
N ALA A 37 -2.35 7.80 -2.50
CA ALA A 37 -1.13 7.87 -3.36
C ALA A 37 -1.33 8.93 -4.44
N GLU A 38 -2.23 8.71 -5.34
CA GLU A 38 -2.49 9.69 -6.43
C GLU A 38 -2.54 11.11 -5.87
N GLU A 39 -2.98 11.27 -4.64
CA GLU A 39 -3.07 12.65 -4.06
C GLU A 39 -1.71 13.05 -3.46
N ASN A 40 -0.85 12.10 -3.21
CA ASN A 40 0.49 12.42 -2.62
C ASN A 40 1.59 11.61 -3.33
N LYS A 41 1.74 11.79 -4.61
CA LYS A 41 2.79 11.03 -5.35
C LYS A 41 4.12 11.12 -4.57
N ASN A 42 4.21 12.05 -3.66
CA ASN A 42 5.46 12.22 -2.86
C ASN A 42 5.30 11.54 -1.51
N ALA A 43 4.29 10.73 -1.36
CA ALA A 43 4.07 10.04 -0.06
C ALA A 43 5.34 9.30 0.35
N ASN A 44 5.61 9.22 1.62
CA ASN A 44 6.83 8.49 2.09
C ASN A 44 6.54 6.99 2.13
N TRP A 45 5.28 6.63 2.18
CA TRP A 45 4.91 5.18 2.28
C TRP A 45 4.54 4.58 0.91
N LEU A 46 4.29 5.38 -0.10
CA LEU A 46 3.90 4.81 -1.43
C LEU A 46 5.15 4.56 -2.27
N ILE A 47 5.03 3.74 -3.30
CA ILE A 47 6.20 3.44 -4.16
C ILE A 47 5.73 3.41 -5.63
N MET A 48 6.32 4.24 -6.46
CA MET A 48 5.94 4.28 -7.90
C MET A 48 7.00 3.53 -8.71
N ASN A 49 6.62 2.43 -9.32
CA ASN A 49 7.58 1.64 -10.15
C ASN A 49 7.02 1.55 -11.56
N GLY A 50 7.22 2.57 -12.34
CA GLY A 50 6.68 2.56 -13.73
C GLY A 50 5.22 3.01 -13.69
N ASN A 51 4.34 2.13 -13.34
CA ASN A 51 2.89 2.49 -13.28
C ASN A 51 2.19 1.63 -12.22
N ARG A 52 2.94 0.91 -11.42
CA ARG A 52 2.32 0.04 -10.37
C ARG A 52 2.48 0.69 -8.99
N ILE A 53 1.39 1.08 -8.38
CA ILE A 53 1.47 1.72 -7.03
C ILE A 53 1.50 0.62 -5.97
N GLN A 54 2.64 0.39 -5.34
CA GLN A 54 2.72 -0.67 -4.28
C GLN A 54 2.72 0.01 -2.90
N ILE A 55 2.20 -0.66 -1.90
CA ILE A 55 2.11 -0.07 -0.53
C ILE A 55 3.32 -0.50 0.32
N LYS A 56 3.70 0.31 1.28
CA LYS A 56 4.85 -0.05 2.16
C LYS A 56 4.35 -0.94 3.30
N ARG A 57 4.87 -2.13 3.40
CA ARG A 57 4.44 -3.06 4.47
C ARG A 57 4.91 -2.54 5.84
N LYS A 58 6.19 -2.56 6.07
CA LYS A 58 6.74 -2.09 7.38
C LYS A 58 6.00 -0.85 7.90
N GLN A 59 6.10 0.25 7.21
CA GLN A 59 5.41 1.49 7.68
C GLN A 59 3.91 1.24 7.89
N PHE A 60 3.17 1.14 6.82
CA PHE A 60 1.70 0.93 6.94
C PHE A 60 1.39 -0.11 8.03
N GLU A 61 2.05 -1.23 8.01
CA GLU A 61 1.79 -2.28 9.05
C GLU A 61 1.84 -1.67 10.45
N LYS A 62 2.68 -0.70 10.66
CA LYS A 62 2.78 -0.09 12.02
C LYS A 62 1.52 0.74 12.32
N ILE A 63 0.62 0.86 11.38
CA ILE A 63 -0.61 1.68 11.62
C ILE A 63 -1.87 0.95 11.15
N ILE A 64 -1.92 -0.35 11.27
CA ILE A 64 -3.16 -1.07 10.83
C ILE A 64 -4.20 -1.03 11.95
N ASP A 65 -3.77 -1.11 13.19
CA ASP A 65 -4.75 -1.08 14.33
C ASP A 65 -4.87 0.34 14.91
N THR A 66 -4.06 1.25 14.45
CA THR A 66 -4.12 2.65 14.98
C THR A 66 -5.17 3.46 14.21
N LEU A 67 -5.61 2.96 13.09
CA LEU A 67 -6.61 3.74 12.31
C LEU A 67 -7.98 3.63 12.99
N ILE A 9 4.12 -11.85 -7.20
CA ILE A 9 4.82 -12.62 -6.12
C ILE A 9 3.78 -12.94 -5.01
N PRO A 10 3.81 -14.12 -4.42
CA PRO A 10 2.84 -14.46 -3.33
C PRO A 10 2.84 -13.36 -2.26
N ILE A 11 1.72 -12.70 -2.12
CA ILE A 11 1.56 -11.60 -1.13
C ILE A 11 2.39 -11.83 0.15
N TRP A 12 2.37 -13.02 0.70
CA TRP A 12 3.14 -13.30 1.96
C TRP A 12 4.64 -13.41 1.67
N GLU A 13 5.09 -12.98 0.52
CA GLU A 13 6.54 -13.08 0.18
C GLU A 13 7.06 -11.73 -0.32
N ARG A 14 6.19 -10.84 -0.73
CA ARG A 14 6.69 -9.50 -1.19
C ARG A 14 6.93 -8.61 0.03
N TYR A 15 7.60 -7.50 -0.15
CA TYR A 15 7.87 -6.59 1.00
C TYR A 15 6.80 -5.50 1.05
N THR A 16 6.04 -5.35 -0.02
CA THR A 16 4.97 -4.31 -0.05
C THR A 16 3.73 -4.92 -0.73
N LEU A 17 2.57 -4.34 -0.52
CA LEU A 17 1.31 -4.89 -1.14
C LEU A 17 0.77 -3.92 -2.20
N THR A 18 0.21 -4.43 -3.25
CA THR A 18 -0.36 -3.55 -4.30
C THR A 18 -1.71 -3.03 -3.87
N ILE A 19 -2.32 -2.20 -4.67
CA ILE A 19 -3.65 -1.69 -4.31
C ILE A 19 -4.59 -2.89 -4.19
N GLU A 20 -4.41 -3.87 -5.03
CA GLU A 20 -5.29 -5.07 -4.97
C GLU A 20 -4.97 -5.87 -3.70
N GLU A 21 -3.71 -6.15 -3.46
CA GLU A 21 -3.37 -6.89 -2.22
C GLU A 21 -3.72 -6.00 -1.03
N ALA A 22 -3.60 -4.70 -1.20
CA ALA A 22 -3.94 -3.77 -0.09
C ALA A 22 -5.45 -3.81 0.16
N SER A 23 -6.24 -3.59 -0.86
CA SER A 23 -7.70 -3.60 -0.66
C SER A 23 -8.11 -4.91 0.04
N LYS A 24 -7.49 -6.00 -0.31
CA LYS A 24 -7.83 -7.29 0.37
C LYS A 24 -7.19 -7.32 1.76
N TYR A 25 -5.89 -7.22 1.80
CA TYR A 25 -5.14 -7.24 3.09
C TYR A 25 -5.42 -5.96 3.90
N PHE A 26 -5.11 -4.83 3.31
CA PHE A 26 -5.34 -3.51 3.98
C PHE A 26 -6.67 -2.95 3.50
N ARG A 27 -7.75 -3.56 3.90
CA ARG A 27 -9.09 -3.08 3.46
C ARG A 27 -9.24 -1.58 3.72
N ILE A 28 -8.72 -0.78 2.84
CA ILE A 28 -8.83 0.70 2.98
C ILE A 28 -9.53 1.22 1.72
N GLY A 29 -10.01 2.44 1.74
CA GLY A 29 -10.69 2.97 0.53
C GLY A 29 -9.81 2.72 -0.69
N GLU A 30 -10.20 1.83 -1.57
CA GLU A 30 -9.39 1.54 -2.77
C GLU A 30 -8.91 2.86 -3.40
N ASN A 31 -9.82 3.76 -3.61
CA ASN A 31 -9.47 5.08 -4.20
C ASN A 31 -8.60 5.88 -3.23
N LYS A 32 -8.73 5.63 -1.94
CA LYS A 32 -7.90 6.37 -0.97
C LYS A 32 -6.45 5.93 -1.12
N LEU A 33 -6.21 4.67 -0.96
CA LEU A 33 -4.81 4.13 -1.10
C LEU A 33 -4.14 4.77 -2.32
N ARG A 34 -4.76 4.65 -3.47
CA ARG A 34 -4.16 5.23 -4.70
C ARG A 34 -3.88 6.73 -4.49
N ARG A 35 -4.89 7.49 -4.19
CA ARG A 35 -4.70 8.95 -4.00
C ARG A 35 -3.71 9.23 -2.86
N LEU A 36 -3.60 8.34 -1.91
CA LEU A 36 -2.65 8.60 -0.79
C LEU A 36 -1.22 8.64 -1.34
N ALA A 37 -0.93 7.83 -2.32
CA ALA A 37 0.45 7.80 -2.90
C ALA A 37 0.53 8.73 -4.12
N GLU A 38 -0.39 8.60 -5.03
CA GLU A 38 -0.38 9.45 -6.27
C GLU A 38 -0.05 10.90 -5.91
N GLU A 39 -0.59 11.40 -4.83
CA GLU A 39 -0.30 12.83 -4.45
C GLU A 39 1.01 12.89 -3.68
N ASN A 40 1.19 11.99 -2.76
CA ASN A 40 2.46 11.99 -1.95
C ASN A 40 3.43 10.97 -2.54
N LYS A 41 3.58 10.97 -3.84
CA LYS A 41 4.52 10.01 -4.48
C LYS A 41 5.86 10.00 -3.74
N ASN A 42 6.09 10.98 -2.89
CA ASN A 42 7.37 11.04 -2.12
C ASN A 42 7.14 10.45 -0.73
N ALA A 43 6.02 9.83 -0.53
CA ALA A 43 5.73 9.23 0.81
C ALA A 43 6.86 8.27 1.21
N ASN A 44 7.08 8.10 2.48
CA ASN A 44 8.15 7.17 2.93
C ASN A 44 7.63 5.73 2.91
N TRP A 45 6.33 5.55 2.85
CA TRP A 45 5.75 4.17 2.87
C TRP A 45 5.36 3.68 1.47
N LEU A 46 5.27 4.55 0.49
CA LEU A 46 4.86 4.10 -0.88
C LEU A 46 6.10 3.73 -1.72
N ILE A 47 5.91 2.94 -2.74
CA ILE A 47 7.05 2.52 -3.61
C ILE A 47 6.54 2.46 -5.05
N MET A 48 7.18 3.17 -5.95
CA MET A 48 6.76 3.16 -7.38
C MET A 48 7.61 2.18 -8.17
N ASN A 49 7.04 1.09 -8.60
CA ASN A 49 7.82 0.08 -9.38
C ASN A 49 7.52 0.29 -10.88
N GLY A 50 8.14 1.28 -11.47
CA GLY A 50 7.89 1.54 -12.92
C GLY A 50 6.59 2.32 -13.05
N ASN A 51 5.49 1.66 -12.83
CA ASN A 51 4.18 2.35 -12.95
C ASN A 51 3.17 1.74 -11.95
N ARG A 52 3.58 0.73 -11.22
CA ARG A 52 2.66 0.09 -10.23
C ARG A 52 3.01 0.57 -8.82
N ILE A 53 2.07 1.17 -8.14
CA ILE A 53 2.34 1.65 -6.76
C ILE A 53 2.18 0.49 -5.79
N GLN A 54 3.02 0.38 -4.77
CA GLN A 54 2.90 -0.74 -3.79
C GLN A 54 2.87 -0.18 -2.36
N ILE A 55 2.06 -0.79 -1.53
CA ILE A 55 1.92 -0.34 -0.11
C ILE A 55 2.90 -1.12 0.78
N LYS A 56 3.48 -0.47 1.76
CA LYS A 56 4.40 -1.19 2.68
C LYS A 56 3.56 -1.91 3.73
N ARG A 57 4.02 -3.01 4.23
CA ARG A 57 3.23 -3.77 5.25
C ARG A 57 3.79 -3.53 6.66
N LYS A 58 5.09 -3.48 6.80
CA LYS A 58 5.65 -3.28 8.17
C LYS A 58 5.17 -1.95 8.78
N GLN A 59 5.57 -0.84 8.22
CA GLN A 59 5.14 0.47 8.79
C GLN A 59 3.61 0.60 8.74
N PHE A 60 2.96 -0.08 7.82
CA PHE A 60 1.48 0.02 7.72
C PHE A 60 0.81 -1.03 8.61
N GLU A 61 1.04 -2.30 8.34
CA GLU A 61 0.41 -3.38 9.15
C GLU A 61 0.35 -3.01 10.63
N LYS A 62 1.31 -2.26 11.12
CA LYS A 62 1.29 -1.88 12.56
C LYS A 62 0.16 -0.90 12.83
N ILE A 63 -0.01 0.08 11.98
CA ILE A 63 -1.08 1.10 12.22
C ILE A 63 -2.39 0.70 11.54
N ILE A 64 -2.67 -0.57 11.37
CA ILE A 64 -3.96 -0.95 10.72
C ILE A 64 -5.11 -0.81 11.72
N ASP A 65 -4.93 -1.27 12.92
CA ASP A 65 -6.03 -1.15 13.95
C ASP A 65 -5.99 0.25 14.56
N THR A 66 -5.05 1.04 14.14
CA THR A 66 -4.91 2.43 14.67
C THR A 66 -5.86 3.36 13.90
N LEU A 67 -6.27 2.94 12.75
CA LEU A 67 -7.15 3.79 11.91
C LEU A 67 -8.58 3.74 12.47
N ILE A 9 4.81 -10.83 -7.45
CA ILE A 9 5.60 -11.64 -6.48
C ILE A 9 4.67 -12.04 -5.31
N PRO A 10 4.87 -13.20 -4.71
CA PRO A 10 4.02 -13.64 -3.58
C PRO A 10 3.75 -12.52 -2.56
N ILE A 11 2.61 -12.56 -1.94
CA ILE A 11 2.22 -11.52 -0.96
C ILE A 11 2.88 -11.80 0.42
N TRP A 12 3.42 -12.97 0.63
CA TRP A 12 4.06 -13.31 1.95
C TRP A 12 5.57 -13.02 1.88
N GLU A 13 6.16 -13.11 0.71
CA GLU A 13 7.63 -12.85 0.57
C GLU A 13 7.85 -11.60 -0.27
N ARG A 14 7.53 -10.45 0.27
CA ARG A 14 7.74 -9.18 -0.49
C ARG A 14 8.05 -8.04 0.49
N TYR A 15 8.27 -6.86 -0.01
CA TYR A 15 8.57 -5.69 0.89
C TYR A 15 7.40 -4.70 0.82
N THR A 16 6.56 -4.82 -0.17
CA THR A 16 5.40 -3.90 -0.32
C THR A 16 4.21 -4.69 -0.87
N LEU A 17 2.99 -4.27 -0.59
CA LEU A 17 1.79 -5.00 -1.10
C LEU A 17 1.09 -4.18 -2.19
N THR A 18 0.53 -4.84 -3.15
CA THR A 18 -0.17 -4.11 -4.24
C THR A 18 -1.53 -3.63 -3.73
N ILE A 19 -2.26 -2.92 -4.54
CA ILE A 19 -3.58 -2.45 -4.08
C ILE A 19 -4.45 -3.68 -3.85
N GLU A 20 -4.34 -4.65 -4.71
CA GLU A 20 -5.17 -5.87 -4.55
C GLU A 20 -4.68 -6.63 -3.32
N GLU A 21 -3.39 -6.71 -3.12
CA GLU A 21 -2.87 -7.39 -1.92
C GLU A 21 -3.26 -6.54 -0.70
N ALA A 22 -3.13 -5.24 -0.81
CA ALA A 22 -3.49 -4.36 0.34
C ALA A 22 -5.00 -4.45 0.60
N SER A 23 -5.80 -4.48 -0.43
CA SER A 23 -7.27 -4.57 -0.19
C SER A 23 -7.56 -5.79 0.70
N LYS A 24 -7.08 -6.94 0.34
CA LYS A 24 -7.34 -8.15 1.18
C LYS A 24 -6.51 -8.07 2.47
N TYR A 25 -5.22 -7.95 2.33
CA TYR A 25 -4.32 -7.87 3.52
C TYR A 25 -4.65 -6.62 4.34
N PHE A 26 -4.57 -5.48 3.73
CA PHE A 26 -4.86 -4.18 4.40
C PHE A 26 -6.31 -3.78 4.12
N ARG A 27 -7.26 -4.48 4.67
CA ARG A 27 -8.69 -4.13 4.41
C ARG A 27 -8.90 -2.61 4.51
N ILE A 28 -8.62 -1.92 3.44
CA ILE A 28 -8.78 -0.44 3.41
C ILE A 28 -9.57 -0.11 2.14
N GLY A 29 -10.17 1.04 2.05
CA GLY A 29 -10.93 1.39 0.83
C GLY A 29 -10.03 1.19 -0.39
N GLU A 30 -10.41 0.34 -1.30
CA GLU A 30 -9.56 0.12 -2.51
C GLU A 30 -9.15 1.47 -3.10
N ASN A 31 -10.12 2.24 -3.51
CA ASN A 31 -9.82 3.58 -4.10
C ASN A 31 -9.21 4.49 -3.04
N LYS A 32 -9.39 4.18 -1.78
CA LYS A 32 -8.80 5.05 -0.72
C LYS A 32 -7.29 4.90 -0.76
N LEU A 33 -6.82 3.75 -1.16
CA LEU A 33 -5.36 3.53 -1.25
C LEU A 33 -4.81 4.26 -2.48
N ARG A 34 -5.50 4.19 -3.59
CA ARG A 34 -5.03 4.88 -4.81
C ARG A 34 -5.05 6.39 -4.60
N ARG A 35 -6.11 6.89 -4.00
CA ARG A 35 -6.20 8.36 -3.77
C ARG A 35 -5.12 8.81 -2.78
N LEU A 36 -4.87 8.05 -1.77
CA LEU A 36 -3.83 8.43 -0.77
C LEU A 36 -2.45 8.47 -1.44
N ALA A 37 -2.15 7.52 -2.28
CA ALA A 37 -0.81 7.50 -2.95
C ALA A 37 -0.82 8.44 -4.15
N GLU A 38 -1.94 8.57 -4.82
CA GLU A 38 -1.99 9.48 -6.00
C GLU A 38 -2.08 10.92 -5.53
N GLU A 39 -2.49 11.15 -4.31
CA GLU A 39 -2.60 12.53 -3.79
C GLU A 39 -1.22 12.97 -3.26
N ASN A 40 -0.46 12.04 -2.73
CA ASN A 40 0.88 12.38 -2.18
C ASN A 40 1.94 11.53 -2.90
N LYS A 41 2.07 11.69 -4.18
CA LYS A 41 3.09 10.91 -4.95
C LYS A 41 4.43 10.95 -4.21
N ASN A 42 4.56 11.85 -3.26
CA ASN A 42 5.84 11.97 -2.49
C ASN A 42 5.69 11.28 -1.14
N ALA A 43 4.66 10.49 -0.99
CA ALA A 43 4.43 9.77 0.29
C ALA A 43 5.69 8.99 0.67
N ASN A 44 6.04 8.99 1.93
CA ASN A 44 7.26 8.22 2.36
C ASN A 44 6.91 6.73 2.49
N TRP A 45 5.68 6.35 2.22
CA TRP A 45 5.27 4.91 2.37
C TRP A 45 4.77 4.33 1.04
N LEU A 46 4.51 5.14 0.05
CA LEU A 46 3.98 4.59 -1.24
C LEU A 46 5.14 4.27 -2.20
N ILE A 47 4.86 3.51 -3.23
CA ILE A 47 5.91 3.13 -4.20
C ILE A 47 5.30 3.16 -5.61
N MET A 48 6.12 3.20 -6.63
CA MET A 48 5.60 3.23 -8.03
C MET A 48 6.50 2.37 -8.91
N ASN A 49 5.92 1.53 -9.72
CA ASN A 49 6.71 0.65 -10.62
C ASN A 49 6.04 0.59 -11.99
N GLY A 50 6.35 1.53 -12.85
CA GLY A 50 5.71 1.54 -14.19
C GLY A 50 4.34 2.19 -14.09
N ASN A 51 3.37 1.46 -13.60
CA ASN A 51 2.00 2.03 -13.49
C ASN A 51 1.26 1.39 -12.31
N ARG A 52 1.89 0.50 -11.58
CA ARG A 52 1.22 -0.16 -10.42
C ARG A 52 1.73 0.43 -9.11
N ILE A 53 0.86 0.97 -8.31
CA ILE A 53 1.29 1.55 -7.00
C ILE A 53 1.37 0.41 -5.97
N GLN A 54 2.43 0.34 -5.20
CA GLN A 54 2.56 -0.75 -4.18
C GLN A 54 2.57 -0.14 -2.76
N ILE A 55 1.92 -0.79 -1.84
CA ILE A 55 1.83 -0.28 -0.44
C ILE A 55 2.93 -0.89 0.43
N LYS A 56 3.38 -0.16 1.42
CA LYS A 56 4.43 -0.69 2.34
C LYS A 56 3.72 -1.48 3.45
N ARG A 57 4.36 -2.51 3.96
CA ARG A 57 3.72 -3.33 5.05
C ARG A 57 4.30 -2.94 6.40
N LYS A 58 5.58 -2.67 6.44
CA LYS A 58 6.23 -2.32 7.74
C LYS A 58 5.69 -0.99 8.29
N GLN A 59 5.93 0.11 7.63
CA GLN A 59 5.44 1.42 8.14
C GLN A 59 3.91 1.43 8.22
N PHE A 60 3.26 0.55 7.51
CA PHE A 60 1.76 0.53 7.52
C PHE A 60 1.25 -0.51 8.56
N GLU A 61 1.61 -1.76 8.39
CA GLU A 61 1.14 -2.82 9.35
C GLU A 61 1.21 -2.31 10.80
N LYS A 62 2.12 -1.43 11.10
CA LYS A 62 2.22 -0.92 12.50
C LYS A 62 1.00 -0.07 12.82
N ILE A 63 0.62 0.80 11.93
CA ILE A 63 -0.55 1.69 12.18
C ILE A 63 -1.81 1.13 11.53
N ILE A 64 -1.96 -0.15 11.45
CA ILE A 64 -3.19 -0.70 10.80
C ILE A 64 -4.39 -0.54 11.75
N ASP A 65 -4.18 -0.66 13.03
CA ASP A 65 -5.30 -0.53 14.02
C ASP A 65 -5.35 0.89 14.60
N THR A 66 -4.42 1.72 14.24
CA THR A 66 -4.40 3.12 14.78
C THR A 66 -5.30 4.01 13.91
N LEU A 67 -5.72 3.51 12.81
CA LEU A 67 -6.58 4.34 11.91
C LEU A 67 -7.99 4.43 12.50
N ILE A 9 4.31 -11.60 -6.97
CA ILE A 9 5.23 -12.20 -5.97
C ILE A 9 4.42 -12.57 -4.72
N PRO A 10 4.70 -13.70 -4.09
CA PRO A 10 3.96 -14.10 -2.87
C PRO A 10 3.88 -12.93 -1.86
N ILE A 11 2.69 -12.54 -1.52
CA ILE A 11 2.49 -11.41 -0.59
C ILE A 11 3.42 -11.52 0.66
N TRP A 12 3.93 -12.69 0.97
CA TRP A 12 4.83 -12.83 2.17
C TRP A 12 6.30 -12.75 1.76
N GLU A 13 6.58 -12.47 0.50
CA GLU A 13 8.00 -12.38 0.03
C GLU A 13 8.28 -10.99 -0.56
N ARG A 14 7.27 -10.20 -0.76
CA ARG A 14 7.51 -8.84 -1.33
C ARG A 14 7.97 -7.90 -0.21
N TYR A 15 8.13 -6.65 -0.53
CA TYR A 15 8.56 -5.63 0.47
C TYR A 15 7.42 -4.63 0.62
N THR A 16 6.48 -4.68 -0.28
CA THR A 16 5.32 -3.76 -0.25
C THR A 16 4.05 -4.54 -0.67
N LEU A 17 2.89 -3.95 -0.51
CA LEU A 17 1.61 -4.64 -0.89
C LEU A 17 0.88 -3.79 -1.94
N THR A 18 0.27 -4.42 -2.90
CA THR A 18 -0.46 -3.65 -3.94
C THR A 18 -1.82 -3.23 -3.41
N ILE A 19 -2.68 -2.79 -4.28
CA ILE A 19 -4.03 -2.40 -3.84
C ILE A 19 -4.78 -3.67 -3.43
N GLU A 20 -4.62 -4.72 -4.18
CA GLU A 20 -5.32 -5.99 -3.86
C GLU A 20 -4.74 -6.59 -2.58
N GLU A 21 -3.45 -6.68 -2.47
CA GLU A 21 -2.87 -7.23 -1.22
C GLU A 21 -3.22 -6.29 -0.07
N ALA A 22 -3.28 -5.00 -0.34
CA ALA A 22 -3.63 -4.04 0.74
C ALA A 22 -5.09 -4.27 1.15
N SER A 23 -6.00 -4.24 0.22
CA SER A 23 -7.42 -4.45 0.60
C SER A 23 -7.55 -5.74 1.42
N LYS A 24 -6.85 -6.78 1.05
CA LYS A 24 -6.93 -8.04 1.83
C LYS A 24 -6.14 -7.89 3.14
N TYR A 25 -4.86 -7.66 3.00
CA TYR A 25 -3.95 -7.50 4.19
C TYR A 25 -4.34 -6.25 4.99
N PHE A 26 -4.33 -5.10 4.35
CA PHE A 26 -4.68 -3.83 5.02
C PHE A 26 -6.16 -3.53 4.78
N ARG A 27 -7.03 -4.31 5.34
CA ARG A 27 -8.51 -4.08 5.12
C ARG A 27 -8.85 -2.59 5.16
N ILE A 28 -8.74 -1.93 4.03
CA ILE A 28 -9.06 -0.48 3.93
C ILE A 28 -9.87 -0.28 2.64
N GLY A 29 -10.57 0.80 2.50
CA GLY A 29 -11.38 1.02 1.27
C GLY A 29 -10.45 1.02 0.04
N GLU A 30 -10.67 0.10 -0.87
CA GLU A 30 -9.82 0.04 -2.10
C GLU A 30 -9.76 1.42 -2.78
N ASN A 31 -10.86 2.12 -2.79
CA ASN A 31 -10.90 3.46 -3.47
C ASN A 31 -9.95 4.45 -2.79
N LYS A 32 -9.80 4.37 -1.50
CA LYS A 32 -8.90 5.33 -0.80
C LYS A 32 -7.46 5.04 -1.20
N LEU A 33 -7.00 3.86 -0.92
CA LEU A 33 -5.58 3.49 -1.26
C LEU A 33 -5.21 4.01 -2.65
N ARG A 34 -6.06 3.81 -3.62
CA ARG A 34 -5.74 4.27 -5.02
C ARG A 34 -5.60 5.80 -5.06
N ARG A 35 -6.53 6.51 -4.44
CA ARG A 35 -6.44 7.99 -4.47
C ARG A 35 -5.42 8.48 -3.45
N LEU A 36 -5.15 7.70 -2.43
CA LEU A 36 -4.17 8.13 -1.39
C LEU A 36 -2.77 8.20 -2.02
N ALA A 37 -2.42 7.23 -2.82
CA ALA A 37 -1.07 7.24 -3.46
C ALA A 37 -1.09 8.17 -4.68
N GLU A 38 -2.11 8.08 -5.48
CA GLU A 38 -2.19 8.95 -6.69
C GLU A 38 -2.26 10.42 -6.27
N GLU A 39 -2.69 10.69 -5.06
CA GLU A 39 -2.79 12.08 -4.59
C GLU A 39 -1.43 12.54 -4.03
N ASN A 40 -0.81 11.71 -3.23
CA ASN A 40 0.51 12.08 -2.63
C ASN A 40 1.63 11.28 -3.31
N LYS A 41 1.79 11.45 -4.59
CA LYS A 41 2.86 10.70 -5.33
C LYS A 41 4.17 10.75 -4.53
N ASN A 42 4.30 11.67 -3.61
CA ASN A 42 5.56 11.78 -2.82
C ASN A 42 5.37 11.12 -1.45
N ALA A 43 4.33 10.34 -1.29
CA ALA A 43 4.10 9.66 0.00
C ALA A 43 5.35 8.86 0.39
N ASN A 44 5.64 8.76 1.65
CA ASN A 44 6.84 7.98 2.08
C ASN A 44 6.49 6.48 2.12
N TRP A 45 5.22 6.15 2.11
CA TRP A 45 4.80 4.71 2.20
C TRP A 45 4.40 4.15 0.82
N LEU A 46 4.19 4.98 -0.17
CA LEU A 46 3.76 4.45 -1.50
C LEU A 46 4.98 4.19 -2.39
N ILE A 47 4.79 3.43 -3.44
CA ILE A 47 5.92 3.11 -4.36
C ILE A 47 5.37 3.13 -5.80
N MET A 48 6.22 3.35 -6.77
CA MET A 48 5.75 3.38 -8.19
C MET A 48 6.74 2.64 -9.08
N ASN A 49 6.36 1.51 -9.59
CA ASN A 49 7.25 0.71 -10.49
C ASN A 49 6.68 0.78 -11.91
N GLY A 50 6.95 1.86 -12.60
CA GLY A 50 6.41 2.00 -13.98
C GLY A 50 4.97 2.48 -13.90
N ASN A 51 4.07 1.62 -13.50
CA ASN A 51 2.65 2.03 -13.40
C ASN A 51 1.96 1.27 -12.25
N ARG A 52 2.61 0.29 -11.69
CA ARG A 52 1.99 -0.49 -10.57
C ARG A 52 2.32 0.18 -9.24
N ILE A 53 1.32 0.59 -8.49
CA ILE A 53 1.58 1.23 -7.17
C ILE A 53 1.78 0.14 -6.12
N GLN A 54 2.79 0.29 -5.28
CA GLN A 54 3.07 -0.73 -4.22
C GLN A 54 2.96 -0.05 -2.84
N ILE A 55 2.31 -0.69 -1.89
CA ILE A 55 2.14 -0.09 -0.53
C ILE A 55 3.19 -0.68 0.43
N LYS A 56 3.84 0.15 1.22
CA LYS A 56 4.84 -0.41 2.18
C LYS A 56 4.10 -1.01 3.37
N ARG A 57 4.66 -2.03 3.98
CA ARG A 57 3.99 -2.67 5.14
C ARG A 57 4.68 -2.19 6.43
N LYS A 58 5.95 -1.91 6.38
CA LYS A 58 6.66 -1.43 7.61
C LYS A 58 6.06 -0.10 8.07
N GLN A 59 6.16 0.92 7.27
CA GLN A 59 5.62 2.25 7.68
C GLN A 59 4.09 2.18 7.83
N PHE A 60 3.43 1.31 7.12
CA PHE A 60 1.94 1.21 7.22
C PHE A 60 1.56 0.27 8.39
N GLU A 61 2.03 -0.94 8.38
CA GLU A 61 1.67 -1.89 9.48
C GLU A 61 1.89 -1.24 10.84
N LYS A 62 2.77 -0.27 10.92
CA LYS A 62 3.02 0.39 12.24
C LYS A 62 1.82 1.25 12.62
N ILE A 63 0.89 1.43 11.72
CA ILE A 63 -0.29 2.29 12.03
C ILE A 63 -1.59 1.62 11.57
N ILE A 64 -1.65 0.32 11.56
CA ILE A 64 -2.92 -0.35 11.11
C ILE A 64 -3.95 -0.27 12.23
N ASP A 65 -3.53 -0.30 13.47
CA ASP A 65 -4.50 -0.23 14.61
C ASP A 65 -4.65 1.21 15.08
N THR A 66 -3.88 2.11 14.52
CA THR A 66 -3.95 3.55 14.93
C THR A 66 -5.03 4.25 14.10
N LEU A 67 -5.47 3.62 13.06
CA LEU A 67 -6.51 4.27 12.21
C LEU A 67 -7.86 4.21 12.93
N ILE A 9 6.20 -11.36 -6.11
CA ILE A 9 6.76 -12.12 -4.95
C ILE A 9 5.60 -12.51 -4.01
N PRO A 10 5.57 -13.72 -3.47
CA PRO A 10 4.48 -14.13 -2.55
C PRO A 10 4.20 -13.06 -1.48
N ILE A 11 2.97 -12.68 -1.33
CA ILE A 11 2.59 -11.65 -0.34
C ILE A 11 3.28 -11.91 1.01
N TRP A 12 3.31 -13.14 1.47
CA TRP A 12 3.96 -13.44 2.79
C TRP A 12 5.49 -13.36 2.65
N GLU A 13 5.99 -12.87 1.54
CA GLU A 13 7.48 -12.77 1.35
C GLU A 13 7.85 -11.31 1.08
N ARG A 14 6.97 -10.53 0.51
CA ARG A 14 7.33 -9.09 0.27
C ARG A 14 7.14 -8.30 1.56
N TYR A 15 7.86 -7.23 1.69
CA TYR A 15 7.76 -6.37 2.92
C TYR A 15 6.83 -5.20 2.63
N THR A 16 6.36 -5.12 1.41
CA THR A 16 5.44 -4.01 1.02
C THR A 16 4.37 -4.61 0.09
N LEU A 17 3.12 -4.27 0.28
CA LEU A 17 2.03 -4.88 -0.57
C LEU A 17 1.58 -3.95 -1.71
N THR A 18 1.11 -4.54 -2.78
CA THR A 18 0.61 -3.76 -3.95
C THR A 18 -0.85 -3.40 -3.75
N ILE A 19 -1.48 -2.88 -4.77
CA ILE A 19 -2.91 -2.53 -4.64
C ILE A 19 -3.72 -3.82 -4.54
N GLU A 20 -3.35 -4.84 -5.27
CA GLU A 20 -4.11 -6.11 -5.20
C GLU A 20 -3.85 -6.77 -3.84
N GLU A 21 -2.61 -6.88 -3.46
CA GLU A 21 -2.32 -7.48 -2.14
C GLU A 21 -2.86 -6.55 -1.06
N ALA A 22 -2.74 -5.27 -1.25
CA ALA A 22 -3.28 -4.32 -0.22
C ALA A 22 -4.81 -4.41 -0.20
N SER A 23 -5.45 -4.43 -1.33
CA SER A 23 -6.93 -4.52 -1.31
C SER A 23 -7.37 -5.74 -0.50
N LYS A 24 -6.78 -6.88 -0.73
CA LYS A 24 -7.18 -8.09 0.05
C LYS A 24 -6.63 -7.97 1.47
N TYR A 25 -5.35 -7.84 1.59
CA TYR A 25 -4.68 -7.73 2.93
C TYR A 25 -5.16 -6.45 3.65
N PHE A 26 -4.97 -5.31 3.03
CA PHE A 26 -5.40 -4.01 3.63
C PHE A 26 -6.80 -3.68 3.12
N ARG A 27 -7.79 -4.45 3.49
CA ARG A 27 -9.18 -4.18 3.01
C ARG A 27 -9.50 -2.69 3.06
N ILE A 28 -9.17 -2.00 2.00
CA ILE A 28 -9.45 -0.53 1.92
C ILE A 28 -9.98 -0.22 0.52
N GLY A 29 -10.45 0.97 0.29
CA GLY A 29 -10.98 1.32 -1.05
C GLY A 29 -9.86 1.22 -2.10
N GLU A 30 -9.96 0.28 -3.01
CA GLU A 30 -8.90 0.14 -4.06
C GLU A 30 -8.62 1.53 -4.67
N ASN A 31 -9.66 2.24 -5.01
CA ASN A 31 -9.50 3.59 -5.62
C ASN A 31 -8.85 4.54 -4.63
N LYS A 32 -9.03 4.32 -3.36
CA LYS A 32 -8.42 5.23 -2.34
C LYS A 32 -6.91 5.09 -2.42
N LEU A 33 -6.41 3.90 -2.26
CA LEU A 33 -4.94 3.67 -2.32
C LEU A 33 -4.33 4.44 -3.50
N ARG A 34 -4.89 4.27 -4.67
CA ARG A 34 -4.34 4.98 -5.87
C ARG A 34 -4.43 6.50 -5.66
N ARG A 35 -5.45 6.95 -4.98
CA ARG A 35 -5.59 8.42 -4.76
C ARG A 35 -4.57 8.91 -3.73
N LEU A 36 -4.36 8.15 -2.70
CA LEU A 36 -3.38 8.59 -1.65
C LEU A 36 -1.97 8.67 -2.26
N ALA A 37 -1.57 7.66 -2.97
CA ALA A 37 -0.20 7.67 -3.58
C ALA A 37 -0.10 8.81 -4.59
N GLU A 38 -0.87 8.74 -5.65
CA GLU A 38 -0.82 9.81 -6.69
C GLU A 38 -0.99 11.19 -6.04
N GLU A 39 -1.57 11.25 -4.88
CA GLU A 39 -1.78 12.57 -4.22
C GLU A 39 -0.50 12.95 -3.46
N ASN A 40 0.19 11.99 -2.89
CA ASN A 40 1.44 12.29 -2.13
C ASN A 40 2.54 11.34 -2.58
N LYS A 41 2.93 11.40 -3.83
CA LYS A 41 4.01 10.51 -4.34
C LYS A 41 5.19 10.54 -3.35
N ASN A 42 5.23 11.52 -2.49
CA ASN A 42 6.34 11.60 -1.50
C ASN A 42 5.89 11.01 -0.16
N ALA A 43 4.83 10.26 -0.17
CA ALA A 43 4.33 9.65 1.09
C ALA A 43 5.46 8.83 1.73
N ASN A 44 5.57 8.86 3.03
CA ASN A 44 6.64 8.09 3.71
C ASN A 44 6.26 6.60 3.74
N TRP A 45 5.12 6.24 3.19
CA TRP A 45 4.66 4.81 3.22
C TRP A 45 4.47 4.24 1.80
N LEU A 46 4.36 5.07 0.80
CA LEU A 46 4.12 4.55 -0.58
C LEU A 46 5.45 4.36 -1.33
N ILE A 47 5.43 3.52 -2.33
CA ILE A 47 6.65 3.26 -3.14
C ILE A 47 6.20 3.11 -4.60
N MET A 48 7.08 3.33 -5.55
CA MET A 48 6.70 3.20 -6.99
C MET A 48 7.76 2.41 -7.74
N ASN A 49 7.46 1.19 -8.09
CA ASN A 49 8.44 0.34 -8.84
C ASN A 49 8.06 0.37 -10.32
N GLY A 50 8.51 1.36 -11.03
CA GLY A 50 8.16 1.45 -12.48
C GLY A 50 6.78 2.09 -12.62
N ASN A 51 5.75 1.34 -12.39
CA ASN A 51 4.37 1.89 -12.52
C ASN A 51 3.44 1.20 -11.52
N ARG A 52 3.94 0.30 -10.72
CA ARG A 52 3.07 -0.41 -9.73
C ARG A 52 3.23 0.25 -8.36
N ILE A 53 2.13 0.58 -7.71
CA ILE A 53 2.21 1.22 -6.38
C ILE A 53 2.36 0.15 -5.29
N GLN A 54 3.44 0.18 -4.55
CA GLN A 54 3.64 -0.81 -3.45
C GLN A 54 3.47 -0.09 -2.10
N ILE A 55 2.58 -0.59 -1.27
CA ILE A 55 2.33 0.07 0.04
C ILE A 55 3.28 -0.50 1.10
N LYS A 56 3.54 0.26 2.14
CA LYS A 56 4.46 -0.22 3.22
C LYS A 56 3.67 -1.09 4.22
N ARG A 57 3.95 -2.35 4.26
CA ARG A 57 3.24 -3.25 5.22
C ARG A 57 3.53 -2.79 6.65
N LYS A 58 4.76 -2.92 7.07
CA LYS A 58 5.12 -2.53 8.47
C LYS A 58 4.43 -1.21 8.87
N GLN A 59 4.76 -0.12 8.23
CA GLN A 59 4.12 1.18 8.61
C GLN A 59 2.60 1.10 8.48
N PHE A 60 2.09 1.06 7.28
CA PHE A 60 0.60 1.00 7.09
C PHE A 60 -0.01 -0.03 8.05
N GLU A 61 0.46 -1.25 8.04
CA GLU A 61 -0.11 -2.30 8.94
C GLU A 61 -0.37 -1.73 10.34
N LYS A 62 0.45 -0.84 10.83
CA LYS A 62 0.22 -0.28 12.19
C LYS A 62 -1.02 0.60 12.20
N ILE A 63 -1.23 1.37 11.17
CA ILE A 63 -2.42 2.28 11.16
C ILE A 63 -3.60 1.62 10.41
N ILE A 64 -3.77 0.33 10.51
CA ILE A 64 -4.92 -0.31 9.79
C ILE A 64 -6.20 -0.16 10.62
N ASP A 65 -6.11 -0.21 11.92
CA ASP A 65 -7.34 -0.07 12.78
C ASP A 65 -7.48 1.37 13.26
N THR A 66 -6.54 2.21 12.94
CA THR A 66 -6.62 3.64 13.38
C THR A 66 -7.45 4.44 12.36
N LEU A 67 -7.67 3.88 11.22
CA LEU A 67 -8.44 4.62 10.18
C LEU A 67 -9.93 4.63 10.58
N ILE A 9 4.34 -11.74 -6.40
CA ILE A 9 5.19 -12.42 -5.39
C ILE A 9 4.33 -12.74 -4.16
N PRO A 10 4.44 -13.94 -3.59
CA PRO A 10 3.65 -14.27 -2.38
C PRO A 10 3.74 -13.16 -1.34
N ILE A 11 2.64 -12.50 -1.08
CA ILE A 11 2.61 -11.37 -0.12
C ILE A 11 3.57 -11.58 1.07
N TRP A 12 3.60 -12.77 1.64
CA TRP A 12 4.52 -13.01 2.82
C TRP A 12 5.98 -13.04 2.35
N GLU A 13 6.27 -12.59 1.15
CA GLU A 13 7.70 -12.61 0.66
C GLU A 13 8.11 -11.23 0.11
N ARG A 14 7.18 -10.45 -0.36
CA ARG A 14 7.57 -9.10 -0.91
C ARG A 14 7.83 -8.14 0.25
N TYR A 15 8.34 -6.96 -0.07
CA TYR A 15 8.65 -5.95 0.99
C TYR A 15 7.53 -4.91 1.04
N THR A 16 6.73 -4.83 0.01
CA THR A 16 5.61 -3.84 -0.02
C THR A 16 4.33 -4.56 -0.48
N LEU A 17 3.18 -4.02 -0.16
CA LEU A 17 1.89 -4.66 -0.57
C LEU A 17 1.20 -3.83 -1.64
N THR A 18 0.62 -4.48 -2.61
CA THR A 18 -0.08 -3.72 -3.68
C THR A 18 -1.44 -3.30 -3.19
N ILE A 19 -2.29 -2.88 -4.08
CA ILE A 19 -3.66 -2.47 -3.66
C ILE A 19 -4.43 -3.74 -3.27
N GLU A 20 -4.23 -4.80 -4.01
CA GLU A 20 -4.96 -6.06 -3.72
C GLU A 20 -4.45 -6.66 -2.40
N GLU A 21 -3.15 -6.74 -2.23
CA GLU A 21 -2.63 -7.29 -0.96
C GLU A 21 -3.01 -6.33 0.17
N ALA A 22 -2.98 -5.05 -0.09
CA ALA A 22 -3.36 -4.07 0.98
C ALA A 22 -4.85 -4.23 1.30
N SER A 23 -5.69 -4.22 0.31
CA SER A 23 -7.14 -4.35 0.59
C SER A 23 -7.40 -5.61 1.44
N LYS A 24 -6.78 -6.72 1.12
CA LYS A 24 -7.01 -7.95 1.93
C LYS A 24 -6.24 -7.83 3.26
N TYR A 25 -4.95 -7.69 3.17
CA TYR A 25 -4.08 -7.57 4.39
C TYR A 25 -4.48 -6.31 5.18
N PHE A 26 -4.40 -5.18 4.53
CA PHE A 26 -4.75 -3.89 5.18
C PHE A 26 -6.22 -3.57 4.89
N ARG A 27 -7.13 -4.32 5.43
CA ARG A 27 -8.58 -4.07 5.16
C ARG A 27 -8.88 -2.57 5.17
N ILE A 28 -8.70 -1.94 4.04
CA ILE A 28 -8.96 -0.48 3.89
C ILE A 28 -9.69 -0.29 2.55
N GLY A 29 -10.52 0.71 2.44
CA GLY A 29 -11.25 0.92 1.17
C GLY A 29 -10.24 1.08 0.02
N GLU A 30 -10.26 0.18 -0.92
CA GLU A 30 -9.30 0.27 -2.06
C GLU A 30 -9.28 1.71 -2.60
N ASN A 31 -10.34 2.44 -2.40
CA ASN A 31 -10.42 3.84 -2.91
C ASN A 31 -9.42 4.74 -2.19
N LYS A 32 -9.20 4.54 -0.91
CA LYS A 32 -8.24 5.42 -0.19
C LYS A 32 -6.82 5.12 -0.68
N LEU A 33 -6.42 3.89 -0.60
CA LEU A 33 -5.06 3.52 -1.07
C LEU A 33 -4.84 4.06 -2.48
N ARG A 34 -5.87 4.07 -3.28
CA ARG A 34 -5.74 4.58 -4.68
C ARG A 34 -5.64 6.11 -4.67
N ARG A 35 -6.39 6.77 -3.82
CA ARG A 35 -6.33 8.26 -3.78
C ARG A 35 -5.11 8.73 -3.00
N LEU A 36 -4.62 7.94 -2.08
CA LEU A 36 -3.42 8.35 -1.30
C LEU A 36 -2.23 8.46 -2.24
N ALA A 37 -2.03 7.46 -3.06
CA ALA A 37 -0.88 7.49 -4.01
C ALA A 37 -1.15 8.54 -5.10
N GLU A 38 -2.16 8.32 -5.89
CA GLU A 38 -2.49 9.28 -6.98
C GLU A 38 -2.43 10.71 -6.45
N GLU A 39 -2.55 10.89 -5.16
CA GLU A 39 -2.50 12.25 -4.58
C GLU A 39 -1.03 12.64 -4.37
N ASN A 40 -0.35 11.92 -3.52
CA ASN A 40 1.09 12.22 -3.24
C ASN A 40 1.96 11.20 -3.97
N LYS A 41 1.90 11.18 -5.27
CA LYS A 41 2.71 10.22 -6.05
C LYS A 41 4.16 10.23 -5.51
N ASN A 42 4.52 11.24 -4.77
CA ASN A 42 5.89 11.33 -4.21
C ASN A 42 5.88 10.82 -2.76
N ALA A 43 4.85 10.11 -2.39
CA ALA A 43 4.76 9.57 -1.00
C ALA A 43 6.01 8.77 -0.67
N ASN A 44 6.37 8.68 0.57
CA ASN A 44 7.57 7.90 0.96
C ASN A 44 7.21 6.40 1.05
N TRP A 45 5.96 6.09 1.22
CA TRP A 45 5.53 4.66 1.37
C TRP A 45 5.06 4.05 0.03
N LEU A 46 4.78 4.84 -0.97
CA LEU A 46 4.29 4.27 -2.26
C LEU A 46 5.48 4.00 -3.20
N ILE A 47 5.33 3.06 -4.09
CA ILE A 47 6.42 2.72 -5.04
C ILE A 47 5.79 2.41 -6.41
N MET A 48 6.11 3.18 -7.41
CA MET A 48 5.53 2.92 -8.76
C MET A 48 6.45 1.97 -9.54
N ASN A 49 6.00 0.75 -9.73
CA ASN A 49 6.82 -0.26 -10.49
C ASN A 49 6.18 -0.49 -11.85
N GLY A 50 6.42 0.39 -12.79
CA GLY A 50 5.81 0.21 -14.14
C GLY A 50 4.39 0.77 -14.10
N ASN A 51 3.49 0.03 -13.54
CA ASN A 51 2.07 0.50 -13.48
C ASN A 51 1.39 -0.05 -12.23
N ARG A 52 2.14 -0.68 -11.35
CA ARG A 52 1.55 -1.26 -10.11
C ARG A 52 1.98 -0.44 -8.89
N ILE A 53 1.04 0.04 -8.12
CA ILE A 53 1.41 0.84 -6.92
C ILE A 53 1.73 -0.12 -5.76
N GLN A 54 2.87 0.04 -5.13
CA GLN A 54 3.25 -0.88 -4.01
C GLN A 54 3.13 -0.12 -2.68
N ILE A 55 2.51 -0.72 -1.70
CA ILE A 55 2.34 -0.07 -0.36
C ILE A 55 3.40 -0.63 0.61
N LYS A 56 3.97 0.19 1.44
CA LYS A 56 4.97 -0.33 2.42
C LYS A 56 4.23 -1.03 3.55
N ARG A 57 4.84 -2.01 4.17
CA ARG A 57 4.16 -2.74 5.29
C ARG A 57 4.77 -2.29 6.63
N LYS A 58 6.02 -1.91 6.64
CA LYS A 58 6.66 -1.49 7.91
C LYS A 58 6.10 -0.12 8.36
N GLN A 59 6.36 0.91 7.61
CA GLN A 59 5.86 2.26 8.00
C GLN A 59 4.33 2.28 8.02
N PHE A 60 3.71 1.33 7.37
CA PHE A 60 2.22 1.29 7.35
C PHE A 60 1.70 0.38 8.48
N GLU A 61 2.18 -0.83 8.58
CA GLU A 61 1.69 -1.74 9.65
C GLU A 61 1.76 -1.03 11.02
N LYS A 62 2.66 -0.10 11.19
CA LYS A 62 2.77 0.59 12.50
C LYS A 62 1.56 1.51 12.69
N ILE A 63 0.71 1.64 11.71
CA ILE A 63 -0.46 2.55 11.85
C ILE A 63 -1.76 1.89 11.38
N ILE A 64 -1.92 0.59 11.55
CA ILE A 64 -3.20 -0.04 11.10
C ILE A 64 -4.29 0.20 12.15
N ASP A 65 -4.08 -0.24 13.36
CA ASP A 65 -5.10 -0.01 14.43
C ASP A 65 -5.18 1.48 14.76
N THR A 66 -4.35 2.25 14.11
CA THR A 66 -4.31 3.72 14.37
C THR A 66 -5.41 4.42 13.56
N LEU A 67 -5.77 3.85 12.45
CA LEU A 67 -6.81 4.50 11.59
C LEU A 67 -8.19 4.26 12.21
N ILE A 9 3.68 -11.54 -7.61
CA ILE A 9 4.52 -12.30 -6.63
C ILE A 9 3.66 -12.61 -5.40
N PRO A 10 3.89 -13.74 -4.75
CA PRO A 10 3.11 -14.09 -3.53
C PRO A 10 2.98 -12.89 -2.58
N ILE A 11 1.91 -12.83 -1.85
CA ILE A 11 1.67 -11.70 -0.92
C ILE A 11 2.44 -11.90 0.41
N TRP A 12 2.80 -13.12 0.71
CA TRP A 12 3.53 -13.41 2.00
C TRP A 12 5.04 -13.28 1.80
N GLU A 13 5.53 -13.56 0.61
CA GLU A 13 7.00 -13.48 0.35
C GLU A 13 7.29 -12.20 -0.46
N ARG A 14 7.02 -11.06 0.12
CA ARG A 14 7.28 -9.78 -0.58
C ARG A 14 7.58 -8.70 0.47
N TYR A 15 7.70 -7.46 0.06
CA TYR A 15 8.01 -6.36 1.01
C TYR A 15 6.92 -5.30 0.94
N THR A 16 6.14 -5.29 -0.12
CA THR A 16 5.05 -4.26 -0.25
C THR A 16 3.81 -4.92 -0.87
N LEU A 17 2.64 -4.39 -0.60
CA LEU A 17 1.36 -4.97 -1.15
C LEU A 17 0.77 -4.04 -2.20
N THR A 18 0.14 -4.59 -3.21
CA THR A 18 -0.48 -3.74 -4.26
C THR A 18 -1.81 -3.22 -3.78
N ILE A 19 -2.52 -2.52 -4.62
CA ILE A 19 -3.84 -2.02 -4.21
C ILE A 19 -4.74 -3.24 -3.97
N GLU A 20 -4.58 -4.25 -4.77
CA GLU A 20 -5.42 -5.48 -4.60
C GLU A 20 -5.00 -6.22 -3.33
N GLU A 21 -3.72 -6.47 -3.15
CA GLU A 21 -3.30 -7.16 -1.91
C GLU A 21 -3.59 -6.22 -0.74
N ALA A 22 -3.43 -4.94 -0.93
CA ALA A 22 -3.73 -4.00 0.18
C ALA A 22 -5.23 -4.02 0.47
N SER A 23 -6.05 -3.91 -0.54
CA SER A 23 -7.52 -3.93 -0.29
C SER A 23 -7.88 -5.19 0.52
N LYS A 24 -7.31 -6.32 0.21
CA LYS A 24 -7.63 -7.56 0.98
C LYS A 24 -6.88 -7.51 2.33
N TYR A 25 -5.59 -7.39 2.27
CA TYR A 25 -4.73 -7.34 3.49
C TYR A 25 -4.99 -6.03 4.27
N PHE A 26 -4.77 -4.93 3.62
CA PHE A 26 -4.99 -3.58 4.25
C PHE A 26 -6.38 -3.09 3.85
N ARG A 27 -7.41 -3.69 4.34
CA ARG A 27 -8.78 -3.26 3.96
C ARG A 27 -8.97 -1.76 4.15
N ILE A 28 -8.53 -1.00 3.19
CA ILE A 28 -8.68 0.48 3.23
C ILE A 28 -9.48 0.90 1.99
N GLY A 29 -10.06 2.05 1.99
CA GLY A 29 -10.84 2.49 0.79
C GLY A 29 -10.00 2.26 -0.47
N GLU A 30 -10.40 1.34 -1.31
CA GLU A 30 -9.63 1.09 -2.56
C GLU A 30 -9.27 2.42 -3.23
N ASN A 31 -10.27 3.24 -3.44
CA ASN A 31 -10.02 4.57 -4.07
C ASN A 31 -9.18 5.46 -3.15
N LYS A 32 -9.22 5.22 -1.86
CA LYS A 32 -8.41 6.06 -0.95
C LYS A 32 -6.94 5.76 -1.19
N LEU A 33 -6.57 4.51 -1.08
CA LEU A 33 -5.15 4.12 -1.32
C LEU A 33 -4.63 4.81 -2.58
N ARG A 34 -5.43 4.88 -3.61
CA ARG A 34 -4.97 5.55 -4.86
C ARG A 34 -4.71 7.04 -4.58
N ARG A 35 -5.69 7.74 -4.08
CA ARG A 35 -5.51 9.19 -3.79
C ARG A 35 -4.39 9.37 -2.77
N LEU A 36 -4.19 8.42 -1.89
CA LEU A 36 -3.11 8.55 -0.87
C LEU A 36 -1.75 8.62 -1.57
N ALA A 37 -1.52 7.79 -2.54
CA ALA A 37 -0.22 7.80 -3.25
C ALA A 37 -0.18 8.97 -4.23
N GLU A 38 -1.00 8.93 -5.24
CA GLU A 38 -1.02 10.03 -6.24
C GLU A 38 -0.98 11.39 -5.54
N GLU A 39 -1.31 11.45 -4.28
CA GLU A 39 -1.27 12.74 -3.56
C GLU A 39 0.16 13.00 -3.07
N ASN A 40 0.72 12.07 -2.35
CA ASN A 40 2.12 12.24 -1.82
C ASN A 40 3.07 11.35 -2.63
N LYS A 41 3.17 11.58 -3.90
CA LYS A 41 4.09 10.75 -4.75
C LYS A 41 5.45 10.61 -4.05
N ASN A 42 5.74 11.51 -3.14
CA ASN A 42 7.04 11.45 -2.41
C ASN A 42 6.83 10.74 -1.07
N ALA A 43 5.76 10.03 -0.94
CA ALA A 43 5.47 9.29 0.32
C ALA A 43 6.64 8.36 0.66
N ASN A 44 6.99 8.26 1.90
CA ASN A 44 8.10 7.35 2.30
C ASN A 44 7.58 5.91 2.33
N TRP A 45 6.32 5.71 1.99
CA TRP A 45 5.73 4.33 2.02
C TRP A 45 5.22 3.89 0.65
N LEU A 46 5.02 4.80 -0.28
CA LEU A 46 4.50 4.37 -1.62
C LEU A 46 5.67 4.01 -2.53
N ILE A 47 5.45 3.12 -3.46
CA ILE A 47 6.54 2.68 -4.37
C ILE A 47 5.96 2.52 -5.78
N MET A 48 6.73 2.85 -6.79
CA MET A 48 6.23 2.71 -8.19
C MET A 48 7.04 1.63 -8.90
N ASN A 49 6.46 0.48 -9.09
CA ASN A 49 7.17 -0.64 -9.78
C ASN A 49 6.85 -0.54 -11.27
N GLY A 50 7.59 0.25 -11.99
CA GLY A 50 7.32 0.40 -13.44
C GLY A 50 6.12 1.32 -13.62
N ASN A 51 4.99 0.88 -13.15
CA ASN A 51 3.75 1.71 -13.29
C ASN A 51 2.77 1.39 -12.14
N ARG A 52 2.85 0.20 -11.60
CA ARG A 52 1.90 -0.18 -10.50
C ARG A 52 2.36 0.43 -9.17
N ILE A 53 1.47 1.06 -8.46
CA ILE A 53 1.82 1.65 -7.14
C ILE A 53 1.69 0.56 -6.07
N GLN A 54 2.73 0.30 -5.32
CA GLN A 54 2.65 -0.76 -4.25
C GLN A 54 2.61 -0.12 -2.86
N ILE A 55 1.89 -0.72 -1.96
CA ILE A 55 1.77 -0.18 -0.57
C ILE A 55 2.82 -0.80 0.33
N LYS A 56 3.29 -0.08 1.32
CA LYS A 56 4.31 -0.64 2.25
C LYS A 56 3.59 -1.48 3.31
N ARG A 57 4.25 -2.49 3.81
CA ARG A 57 3.63 -3.37 4.83
C ARG A 57 4.22 -3.06 6.21
N LYS A 58 5.52 -2.96 6.30
CA LYS A 58 6.16 -2.69 7.62
C LYS A 58 5.66 -1.38 8.23
N GLN A 59 5.94 -0.26 7.63
CA GLN A 59 5.48 1.04 8.20
C GLN A 59 3.95 1.10 8.26
N PHE A 60 3.29 0.48 7.32
CA PHE A 60 1.79 0.52 7.32
C PHE A 60 1.25 -0.50 8.34
N GLU A 61 1.55 -1.76 8.15
CA GLU A 61 1.04 -2.81 9.09
C GLU A 61 1.12 -2.32 10.54
N LYS A 62 2.05 -1.46 10.84
CA LYS A 62 2.16 -0.96 12.24
C LYS A 62 0.97 -0.06 12.55
N ILE A 63 0.66 0.85 11.68
CA ILE A 63 -0.47 1.78 11.95
C ILE A 63 -1.78 1.25 11.35
N ILE A 64 -1.98 -0.03 11.29
CA ILE A 64 -3.27 -0.54 10.72
C ILE A 64 -4.39 -0.47 11.76
N ASP A 65 -4.07 -0.70 13.01
CA ASP A 65 -5.11 -0.64 14.08
C ASP A 65 -5.17 0.77 14.68
N THR A 66 -4.30 1.64 14.24
CA THR A 66 -4.27 3.03 14.76
C THR A 66 -5.23 3.90 13.95
N LEU A 67 -5.66 3.41 12.82
CA LEU A 67 -6.58 4.22 11.98
C LEU A 67 -7.98 4.22 12.61
N ILE A 9 5.78 -11.92 -6.08
CA ILE A 9 6.41 -12.59 -4.90
C ILE A 9 5.29 -12.94 -3.89
N PRO A 10 5.37 -14.05 -3.19
CA PRO A 10 4.34 -14.40 -2.18
C PRO A 10 4.10 -13.25 -1.20
N ILE A 11 2.89 -12.78 -1.11
CA ILE A 11 2.56 -11.67 -0.21
C ILE A 11 3.29 -11.79 1.15
N TRP A 12 3.33 -12.96 1.72
CA TRP A 12 4.01 -13.14 3.05
C TRP A 12 5.54 -13.07 2.90
N GLU A 13 6.03 -12.76 1.73
CA GLU A 13 7.53 -12.68 1.53
C GLU A 13 7.93 -11.24 1.15
N ARG A 14 7.03 -10.47 0.59
CA ARG A 14 7.40 -9.08 0.22
C ARG A 14 7.33 -8.17 1.45
N TYR A 15 7.91 -7.01 1.36
CA TYR A 15 7.91 -6.04 2.50
C TYR A 15 6.84 -4.98 2.23
N THR A 16 6.31 -4.97 1.04
CA THR A 16 5.26 -3.97 0.67
C THR A 16 4.14 -4.72 -0.07
N LEU A 17 2.92 -4.25 0.03
CA LEU A 17 1.77 -4.95 -0.65
C LEU A 17 1.21 -4.09 -1.79
N THR A 18 0.73 -4.72 -2.82
CA THR A 18 0.15 -3.96 -3.97
C THR A 18 -1.25 -3.51 -3.63
N ILE A 19 -1.88 -2.81 -4.52
CA ILE A 19 -3.26 -2.37 -4.24
C ILE A 19 -4.12 -3.62 -4.05
N GLU A 20 -3.87 -4.64 -4.84
CA GLU A 20 -4.67 -5.88 -4.71
C GLU A 20 -4.30 -6.57 -3.40
N GLU A 21 -3.04 -6.72 -3.10
CA GLU A 21 -2.68 -7.36 -1.81
C GLU A 21 -3.12 -6.44 -0.68
N ALA A 22 -3.13 -5.16 -0.93
CA ALA A 22 -3.56 -4.20 0.13
C ALA A 22 -5.06 -4.33 0.37
N SER A 23 -5.87 -4.20 -0.64
CA SER A 23 -7.34 -4.31 -0.42
C SER A 23 -7.68 -5.64 0.27
N LYS A 24 -7.03 -6.71 -0.07
CA LYS A 24 -7.34 -8.00 0.63
C LYS A 24 -6.72 -7.96 2.03
N TYR A 25 -5.42 -7.92 2.08
CA TYR A 25 -4.70 -7.88 3.38
C TYR A 25 -5.09 -6.64 4.18
N PHE A 26 -4.91 -5.47 3.61
CA PHE A 26 -5.26 -4.19 4.28
C PHE A 26 -6.67 -3.79 3.85
N ARG A 27 -7.67 -4.52 4.26
CA ARG A 27 -9.07 -4.17 3.85
C ARG A 27 -9.32 -2.67 3.95
N ILE A 28 -9.01 -1.98 2.88
CA ILE A 28 -9.22 -0.50 2.80
C ILE A 28 -9.87 -0.21 1.43
N GLY A 29 -10.50 0.92 1.28
CA GLY A 29 -11.12 1.22 -0.04
C GLY A 29 -10.04 1.32 -1.11
N GLU A 30 -10.07 0.45 -2.08
CA GLU A 30 -9.05 0.48 -3.16
C GLU A 30 -8.87 1.93 -3.66
N ASN A 31 -9.94 2.67 -3.68
CA ASN A 31 -9.88 4.08 -4.18
C ASN A 31 -9.00 4.98 -3.30
N LYS A 32 -8.95 4.75 -2.02
CA LYS A 32 -8.11 5.63 -1.16
C LYS A 32 -6.63 5.37 -1.47
N LEU A 33 -6.22 4.15 -1.37
CA LEU A 33 -4.79 3.81 -1.66
C LEU A 33 -4.32 4.52 -2.94
N ARG A 34 -5.00 4.31 -4.03
CA ARG A 34 -4.59 4.96 -5.30
C ARG A 34 -4.62 6.49 -5.15
N ARG A 35 -5.53 7.00 -4.35
CA ARG A 35 -5.61 8.48 -4.17
C ARG A 35 -4.49 8.93 -3.22
N LEU A 36 -4.14 8.13 -2.26
CA LEU A 36 -3.06 8.52 -1.30
C LEU A 36 -1.74 8.65 -2.05
N ALA A 37 -1.40 7.68 -2.85
CA ALA A 37 -0.12 7.74 -3.61
C ALA A 37 -0.19 8.89 -4.62
N GLU A 38 -1.04 8.76 -5.60
CA GLU A 38 -1.16 9.83 -6.64
C GLU A 38 -1.28 11.19 -5.96
N GLU A 39 -1.57 11.23 -4.70
CA GLU A 39 -1.70 12.54 -4.00
C GLU A 39 -0.32 12.98 -3.50
N ASN A 40 0.53 12.05 -3.15
CA ASN A 40 1.89 12.40 -2.65
C ASN A 40 2.93 11.44 -3.23
N LYS A 41 3.20 11.52 -4.51
CA LYS A 41 4.21 10.62 -5.13
C LYS A 41 5.47 10.60 -4.26
N ASN A 42 5.60 11.55 -3.37
CA ASN A 42 6.81 11.62 -2.50
C ASN A 42 6.49 10.99 -1.14
N ALA A 43 5.39 10.30 -1.04
CA ALA A 43 5.02 9.67 0.25
C ALA A 43 6.20 8.80 0.74
N ASN A 44 6.38 8.70 2.03
CA ASN A 44 7.51 7.87 2.56
C ASN A 44 7.09 6.40 2.57
N TRP A 45 5.81 6.14 2.55
CA TRP A 45 5.30 4.72 2.61
C TRP A 45 4.97 4.16 1.21
N LEU A 46 4.85 5.00 0.21
CA LEU A 46 4.50 4.47 -1.14
C LEU A 46 5.76 4.14 -1.94
N ILE A 47 5.63 3.33 -2.94
CA ILE A 47 6.80 2.94 -3.78
C ILE A 47 6.35 2.87 -5.24
N MET A 48 7.24 3.07 -6.17
CA MET A 48 6.87 3.01 -7.61
C MET A 48 7.81 2.05 -8.34
N ASN A 49 7.29 0.91 -8.74
CA ASN A 49 8.13 -0.10 -9.45
C ASN A 49 7.77 -0.08 -10.94
N GLY A 50 8.20 0.91 -11.67
CA GLY A 50 7.87 0.98 -13.11
C GLY A 50 6.48 1.57 -13.27
N ASN A 51 5.48 0.80 -12.95
CA ASN A 51 4.08 1.30 -13.09
C ASN A 51 3.19 0.65 -12.02
N ARG A 52 3.79 -0.07 -11.09
CA ARG A 52 2.99 -0.74 -10.01
C ARG A 52 3.25 -0.04 -8.68
N ILE A 53 2.26 0.60 -8.12
CA ILE A 53 2.45 1.28 -6.82
C ILE A 53 2.30 0.26 -5.70
N GLN A 54 3.30 0.11 -4.86
CA GLN A 54 3.21 -0.89 -3.74
C GLN A 54 2.99 -0.16 -2.41
N ILE A 55 2.23 -0.78 -1.53
CA ILE A 55 1.93 -0.18 -0.20
C ILE A 55 2.92 -0.71 0.84
N LYS A 56 3.17 0.03 1.88
CA LYS A 56 4.11 -0.46 2.93
C LYS A 56 3.36 -1.44 3.84
N ARG A 57 4.05 -2.39 4.40
CA ARG A 57 3.37 -3.39 5.28
C ARG A 57 3.66 -3.08 6.76
N LYS A 58 4.86 -2.68 7.07
CA LYS A 58 5.21 -2.39 8.49
C LYS A 58 4.71 -0.99 8.89
N GLN A 59 5.25 0.04 8.31
CA GLN A 59 4.81 1.42 8.67
C GLN A 59 3.29 1.54 8.56
N PHE A 60 2.67 0.68 7.80
CA PHE A 60 1.19 0.75 7.64
C PHE A 60 0.51 -0.02 8.79
N GLU A 61 0.97 -1.21 9.09
CA GLU A 61 0.35 -1.99 10.20
C GLU A 61 0.31 -1.16 11.48
N LYS A 62 1.22 -0.22 11.63
CA LYS A 62 1.22 0.61 12.87
C LYS A 62 0.05 1.60 12.82
N ILE A 63 -0.66 1.65 11.73
CA ILE A 63 -1.80 2.62 11.63
C ILE A 63 -3.04 1.95 11.04
N ILE A 64 -3.11 0.66 11.04
CA ILE A 64 -4.32 0.00 10.45
C ILE A 64 -5.60 0.46 11.19
N ASP A 65 -5.53 0.64 12.49
CA ASP A 65 -6.76 1.08 13.26
C ASP A 65 -6.77 2.60 13.48
N THR A 66 -5.74 3.31 13.10
CA THR A 66 -5.71 4.79 13.32
C THR A 66 -6.42 5.48 12.16
N LEU A 67 -6.75 4.76 11.13
CA LEU A 67 -7.40 5.41 9.96
C LEU A 67 -8.86 5.75 10.33
#